data_6URP
#
_entry.id   6URP
#
_entity_poly.entity_id   1
_entity_poly.type   'polypeptide(L)'
_entity_poly.pdbx_seq_one_letter_code
;SEPDEICRARMTHKEFNYKSNVCNGCGDQVAACEAECFRNDVYTACHEAQK
;
_entity_poly.pdbx_strand_id   A
#
# COMPACT_ATOMS: atom_id res chain seq x y z
N SER A 1 -11.27 10.03 12.36
CA SER A 1 -9.86 9.78 11.96
C SER A 1 -9.47 8.35 12.34
N GLU A 2 -9.87 7.39 11.50
CA GLU A 2 -9.56 5.99 11.75
C GLU A 2 -8.28 5.59 11.01
N PRO A 3 -7.67 4.50 11.39
CA PRO A 3 -6.41 4.00 10.78
C PRO A 3 -6.22 4.28 9.28
N ASP A 4 -6.99 3.52 8.50
CA ASP A 4 -7.03 3.63 7.03
C ASP A 4 -8.17 4.55 6.63
N GLU A 5 -8.52 5.51 7.46
CA GLU A 5 -9.55 6.50 7.09
C GLU A 5 -8.87 7.80 6.64
N ILE A 6 -7.95 8.29 7.48
CA ILE A 6 -7.24 9.53 7.20
C ILE A 6 -6.40 9.38 5.93
N CYS A 7 -5.74 8.24 5.81
CA CYS A 7 -4.89 8.01 4.65
C CYS A 7 -5.70 8.08 3.36
N ARG A 8 -6.86 7.43 3.38
CA ARG A 8 -7.73 7.38 2.21
C ARG A 8 -8.25 8.76 1.86
N ALA A 9 -8.60 9.51 2.88
CA ALA A 9 -9.15 10.85 2.69
C ALA A 9 -8.17 11.76 1.99
N ARG A 10 -6.90 11.32 1.88
CA ARG A 10 -5.86 12.13 1.27
C ARG A 10 -5.54 11.64 -0.12
N MET A 11 -6.01 10.44 -0.48
CA MET A 11 -5.76 9.86 -1.81
C MET A 11 -7.06 9.52 -2.52
N THR A 12 -7.00 9.42 -3.83
CA THR A 12 -8.19 9.03 -4.58
C THR A 12 -8.44 7.53 -4.43
N HIS A 13 -9.65 7.09 -4.77
CA HIS A 13 -10.00 5.67 -4.66
C HIS A 13 -9.17 4.86 -5.64
N LYS A 14 -8.98 5.36 -6.86
CA LYS A 14 -8.20 4.64 -7.86
C LYS A 14 -6.78 4.42 -7.36
N GLU A 15 -6.20 5.44 -6.78
CA GLU A 15 -4.84 5.32 -6.30
C GLU A 15 -4.77 4.36 -5.12
N PHE A 16 -5.70 4.52 -4.20
CA PHE A 16 -5.75 3.66 -3.03
C PHE A 16 -5.93 2.19 -3.41
N ASN A 17 -6.85 1.91 -4.33
CA ASN A 17 -7.07 0.54 -4.79
C ASN A 17 -5.83 -0.01 -5.49
N TYR A 18 -5.18 0.81 -6.31
CA TYR A 18 -4.01 0.37 -7.06
C TYR A 18 -2.87 -0.07 -6.15
N LYS A 19 -2.53 0.83 -5.24
CA LYS A 19 -1.45 0.59 -4.30
C LYS A 19 -1.77 -0.58 -3.39
N SER A 20 -3.04 -0.67 -3.00
CA SER A 20 -3.47 -1.74 -2.12
C SER A 20 -3.21 -3.11 -2.73
N ASN A 21 -3.51 -3.19 -4.02
CA ASN A 21 -3.28 -4.40 -4.80
C ASN A 21 -1.79 -4.73 -4.85
N VAL A 22 -0.95 -3.68 -4.94
CA VAL A 22 0.50 -3.87 -4.99
C VAL A 22 1.01 -4.48 -3.69
N CYS A 23 0.55 -3.91 -2.57
CA CYS A 23 0.96 -4.41 -1.26
C CYS A 23 0.37 -5.79 -1.05
N ASN A 24 -0.85 -6.03 -1.45
CA ASN A 24 -1.45 -7.33 -1.27
C ASN A 24 -0.71 -8.38 -2.06
N GLY A 25 -0.09 -8.01 -3.18
CA GLY A 25 0.64 -8.97 -3.98
C GLY A 25 2.05 -9.15 -3.45
N CYS A 26 2.38 -8.48 -2.35
CA CYS A 26 3.73 -8.51 -1.83
C CYS A 26 4.04 -9.76 -1.05
N GLY A 27 3.05 -10.43 -0.48
CA GLY A 27 3.28 -11.68 0.23
C GLY A 27 2.83 -11.58 1.69
N ASP A 28 3.75 -11.84 2.62
CA ASP A 28 3.42 -11.77 4.06
C ASP A 28 3.82 -10.39 4.60
N GLN A 29 4.15 -9.46 3.72
CA GLN A 29 4.52 -8.11 4.14
C GLN A 29 3.34 -7.18 3.97
N VAL A 30 2.18 -7.75 3.67
CA VAL A 30 0.99 -6.95 3.44
C VAL A 30 0.86 -5.84 4.47
N ALA A 31 0.94 -6.19 5.75
CA ALA A 31 0.78 -5.21 6.80
C ALA A 31 1.91 -4.18 6.82
N ALA A 32 3.15 -4.66 6.60
CA ALA A 32 4.32 -3.79 6.58
C ALA A 32 4.21 -2.83 5.40
N CYS A 33 3.77 -3.39 4.28
CA CYS A 33 3.62 -2.63 3.06
C CYS A 33 2.51 -1.59 3.21
N GLU A 34 1.48 -1.95 3.98
CA GLU A 34 0.35 -1.08 4.22
C GLU A 34 0.64 -0.07 5.31
N ALA A 35 1.69 -0.30 6.11
CA ALA A 35 2.02 0.54 7.24
C ALA A 35 2.01 2.02 6.93
N GLU A 36 2.82 2.39 5.96
CA GLU A 36 2.95 3.80 5.61
C GLU A 36 2.17 4.18 4.36
N CYS A 37 0.96 3.64 4.23
CA CYS A 37 0.16 3.91 3.05
C CYS A 37 0.97 3.58 1.80
N PHE A 38 1.68 2.46 1.83
CA PHE A 38 2.46 2.03 0.70
C PHE A 38 3.66 2.93 0.49
N ARG A 39 3.89 3.85 1.42
CA ARG A 39 5.03 4.76 1.37
C ARG A 39 6.16 4.17 2.22
N ASN A 40 6.82 3.16 1.67
CA ASN A 40 7.90 2.49 2.38
C ASN A 40 8.77 1.75 1.40
N ASP A 41 9.94 1.27 1.88
CA ASP A 41 10.86 0.58 1.02
C ASP A 41 10.29 -0.77 0.62
N VAL A 42 9.50 -1.40 1.47
CA VAL A 42 8.89 -2.68 1.13
C VAL A 42 7.97 -2.50 -0.06
N TYR A 43 7.18 -1.43 -0.06
CA TYR A 43 6.28 -1.12 -1.15
C TYR A 43 7.10 -1.03 -2.43
N THR A 44 8.20 -0.29 -2.39
CA THR A 44 9.02 -0.13 -3.56
C THR A 44 9.51 -1.50 -4.05
N ALA A 45 10.08 -2.29 -3.14
CA ALA A 45 10.58 -3.63 -3.39
C ALA A 45 9.49 -4.52 -3.97
N CYS A 46 8.30 -4.45 -3.36
CA CYS A 46 7.17 -5.25 -3.83
C CYS A 46 6.70 -4.75 -5.19
N HIS A 47 6.61 -3.41 -5.32
CA HIS A 47 6.16 -2.81 -6.56
C HIS A 47 7.15 -3.07 -7.68
N GLU A 48 8.44 -2.93 -7.36
CA GLU A 48 9.48 -3.15 -8.35
C GLU A 48 9.56 -4.62 -8.74
N ALA A 49 9.15 -5.49 -7.81
CA ALA A 49 9.20 -6.92 -8.03
C ALA A 49 8.06 -7.37 -8.93
N GLN A 50 6.99 -6.57 -8.97
CA GLN A 50 5.84 -6.90 -9.82
C GLN A 50 6.01 -6.24 -11.19
N LYS A 51 5.82 -7.03 -12.25
CA LYS A 51 5.93 -6.52 -13.60
C LYS A 51 4.79 -5.53 -13.89
N SER A 1 -7.87 8.14 15.97
CA SER A 1 -7.13 6.88 15.73
C SER A 1 -7.47 6.34 14.34
N GLU A 2 -7.96 7.22 13.48
CA GLU A 2 -8.33 6.81 12.14
C GLU A 2 -7.18 6.03 11.48
N PRO A 3 -7.34 4.74 11.22
CA PRO A 3 -6.26 3.92 10.58
C PRO A 3 -6.14 4.13 9.06
N ASP A 4 -6.90 3.35 8.32
CA ASP A 4 -6.98 3.41 6.86
C ASP A 4 -8.17 4.30 6.48
N GLU A 5 -8.54 5.25 7.34
CA GLU A 5 -9.60 6.20 6.99
C GLU A 5 -8.95 7.54 6.55
N ILE A 6 -8.02 8.04 7.35
CA ILE A 6 -7.34 9.31 7.03
C ILE A 6 -6.53 9.18 5.74
N CYS A 7 -5.86 8.04 5.60
CA CYS A 7 -5.03 7.83 4.42
C CYS A 7 -5.87 7.90 3.13
N ARG A 8 -7.05 7.32 3.21
CA ARG A 8 -7.94 7.25 2.05
C ARG A 8 -8.44 8.64 1.71
N ALA A 9 -8.76 9.41 2.73
CA ALA A 9 -9.30 10.73 2.56
C ALA A 9 -8.30 11.63 1.84
N ARG A 10 -7.06 11.17 1.69
CA ARG A 10 -6.00 11.93 1.05
C ARG A 10 -5.69 11.39 -0.35
N MET A 11 -6.19 10.18 -0.67
CA MET A 11 -5.93 9.55 -1.97
C MET A 11 -7.24 9.26 -2.68
N THR A 12 -7.17 9.22 -4.00
CA THR A 12 -8.35 8.92 -4.78
C THR A 12 -8.59 7.42 -4.78
N HIS A 13 -9.85 7.00 -4.80
CA HIS A 13 -10.17 5.58 -4.81
C HIS A 13 -9.26 4.85 -5.77
N LYS A 14 -9.00 5.41 -6.94
CA LYS A 14 -8.15 4.75 -7.92
C LYS A 14 -6.73 4.56 -7.38
N GLU A 15 -6.17 5.60 -6.77
CA GLU A 15 -4.81 5.52 -6.26
C GLU A 15 -4.73 4.58 -5.08
N PHE A 16 -5.56 4.84 -4.08
CA PHE A 16 -5.60 4.00 -2.89
C PHE A 16 -5.83 2.53 -3.27
N ASN A 17 -6.78 2.26 -4.15
CA ASN A 17 -7.02 0.88 -4.60
C ASN A 17 -5.79 0.30 -5.31
N TYR A 18 -5.14 1.10 -6.16
CA TYR A 18 -4.00 0.63 -6.92
C TYR A 18 -2.86 0.17 -6.02
N LYS A 19 -2.50 1.05 -5.12
CA LYS A 19 -1.42 0.79 -4.19
C LYS A 19 -1.74 -0.37 -3.29
N SER A 20 -3.02 -0.45 -2.87
CA SER A 20 -3.45 -1.51 -1.99
C SER A 20 -3.21 -2.88 -2.59
N ASN A 21 -3.53 -2.96 -3.89
CA ASN A 21 -3.31 -4.18 -4.67
C ASN A 21 -1.82 -4.51 -4.74
N VAL A 22 -0.98 -3.49 -4.84
CA VAL A 22 0.47 -3.70 -4.90
C VAL A 22 0.97 -4.34 -3.61
N CYS A 23 0.55 -3.77 -2.48
CA CYS A 23 0.95 -4.29 -1.18
C CYS A 23 0.35 -5.67 -0.96
N ASN A 24 -0.88 -5.89 -1.37
CA ASN A 24 -1.50 -7.18 -1.19
C ASN A 24 -0.77 -8.24 -1.98
N GLY A 25 -0.16 -7.87 -3.13
CA GLY A 25 0.55 -8.85 -3.92
C GLY A 25 1.96 -9.05 -3.42
N CYS A 26 2.30 -8.41 -2.29
CA CYS A 26 3.67 -8.47 -1.80
C CYS A 26 3.97 -9.72 -1.02
N GLY A 27 2.96 -10.42 -0.48
CA GLY A 27 3.23 -11.66 0.23
C GLY A 27 2.77 -11.58 1.69
N ASP A 28 3.70 -11.85 2.62
CA ASP A 28 3.39 -11.78 4.05
C ASP A 28 3.81 -10.41 4.60
N GLN A 29 4.12 -9.48 3.72
CA GLN A 29 4.52 -8.14 4.14
C GLN A 29 3.35 -7.20 3.99
N VAL A 30 2.18 -7.76 3.71
CA VAL A 30 1.00 -6.94 3.52
C VAL A 30 0.90 -5.85 4.55
N ALA A 31 1.01 -6.20 5.84
CA ALA A 31 0.88 -5.21 6.88
C ALA A 31 2.02 -4.20 6.88
N ALA A 32 3.25 -4.69 6.65
CA ALA A 32 4.43 -3.83 6.62
C ALA A 32 4.32 -2.86 5.45
N CYS A 33 3.85 -3.42 4.35
CA CYS A 33 3.70 -2.67 3.12
C CYS A 33 2.62 -1.63 3.29
N GLU A 34 1.58 -1.98 4.07
CA GLU A 34 0.45 -1.10 4.32
C GLU A 34 0.76 -0.08 5.42
N ALA A 35 1.82 -0.32 6.21
CA ALA A 35 2.18 0.52 7.36
C ALA A 35 2.19 1.99 7.04
N GLU A 36 2.95 2.34 6.03
CA GLU A 36 3.11 3.76 5.69
C GLU A 36 2.32 4.12 4.45
N CYS A 37 1.11 3.59 4.33
CA CYS A 37 0.29 3.86 3.17
C CYS A 37 1.07 3.55 1.91
N PHE A 38 1.77 2.42 1.93
CA PHE A 38 2.53 1.97 0.79
C PHE A 38 3.76 2.86 0.56
N ARG A 39 3.99 3.79 1.49
CA ARG A 39 5.15 4.69 1.43
C ARG A 39 6.27 4.09 2.27
N ASN A 40 6.92 3.09 1.70
CA ASN A 40 8.00 2.42 2.40
C ASN A 40 8.87 1.66 1.40
N ASP A 41 10.02 1.19 1.87
CA ASP A 41 10.92 0.50 0.98
C ASP A 41 10.34 -0.85 0.60
N VAL A 42 9.55 -1.50 1.45
CA VAL A 42 8.93 -2.76 1.12
C VAL A 42 8.01 -2.56 -0.08
N TYR A 43 7.22 -1.48 -0.04
CA TYR A 43 6.33 -1.18 -1.14
C TYR A 43 7.14 -1.09 -2.41
N THR A 44 8.25 -0.36 -2.37
CA THR A 44 9.06 -0.22 -3.56
C THR A 44 9.52 -1.58 -4.09
N ALA A 45 10.08 -2.38 -3.20
CA ALA A 45 10.56 -3.75 -3.45
C ALA A 45 9.45 -4.61 -4.03
N CYS A 46 8.26 -4.51 -3.41
CA CYS A 46 7.12 -5.28 -3.86
C CYS A 46 6.64 -4.76 -5.22
N HIS A 47 6.58 -3.43 -5.34
CA HIS A 47 6.13 -2.81 -6.57
C HIS A 47 7.12 -3.06 -7.70
N GLU A 48 8.41 -2.94 -7.40
CA GLU A 48 9.44 -3.16 -8.40
C GLU A 48 9.50 -4.64 -8.79
N ALA A 49 9.09 -5.50 -7.86
CA ALA A 49 9.13 -6.93 -8.08
C ALA A 49 7.97 -7.36 -8.96
N GLN A 50 6.90 -6.57 -8.97
CA GLN A 50 5.74 -6.90 -9.81
C GLN A 50 5.91 -6.23 -11.18
N LYS A 51 5.63 -7.01 -12.23
CA LYS A 51 5.71 -6.51 -13.59
C LYS A 51 4.76 -5.33 -13.78
N SER A 1 -11.88 1.68 11.48
CA SER A 1 -11.55 2.77 12.45
C SER A 1 -10.04 2.90 12.55
N GLU A 2 -9.33 2.26 11.64
CA GLU A 2 -7.88 2.31 11.66
C GLU A 2 -7.38 3.48 10.83
N PRO A 3 -6.18 3.97 11.08
CA PRO A 3 -5.56 5.05 10.26
C PRO A 3 -5.74 4.88 8.75
N ASP A 4 -6.46 3.85 8.31
CA ASP A 4 -6.70 3.59 6.89
C ASP A 4 -7.96 4.32 6.43
N GLU A 5 -8.46 5.21 7.27
CA GLU A 5 -9.60 6.05 6.89
C GLU A 5 -9.04 7.44 6.55
N ILE A 6 -8.14 7.95 7.37
CA ILE A 6 -7.55 9.26 7.12
C ILE A 6 -6.63 9.20 5.90
N CYS A 7 -5.91 8.10 5.80
CA CYS A 7 -4.99 7.93 4.69
C CYS A 7 -5.74 8.01 3.36
N ARG A 8 -6.91 7.37 3.31
CA ARG A 8 -7.73 7.31 2.11
C ARG A 8 -8.24 8.68 1.76
N ALA A 9 -8.66 9.43 2.76
CA ALA A 9 -9.23 10.74 2.56
C ALA A 9 -8.23 11.66 1.91
N ARG A 10 -6.96 11.25 1.82
CA ARG A 10 -5.92 12.08 1.25
C ARG A 10 -5.56 11.61 -0.15
N MET A 11 -6.02 10.40 -0.52
CA MET A 11 -5.73 9.84 -1.85
C MET A 11 -7.03 9.52 -2.59
N THR A 12 -6.94 9.41 -3.89
CA THR A 12 -8.11 9.04 -4.68
C THR A 12 -8.38 7.54 -4.52
N HIS A 13 -9.61 7.13 -4.82
CA HIS A 13 -10.00 5.72 -4.71
C HIS A 13 -9.18 4.89 -5.68
N LYS A 14 -8.97 5.38 -6.90
CA LYS A 14 -8.20 4.63 -7.88
C LYS A 14 -6.79 4.40 -7.38
N GLU A 15 -6.20 5.43 -6.79
CA GLU A 15 -4.85 5.31 -6.29
C GLU A 15 -4.79 4.36 -5.11
N PHE A 16 -5.72 4.55 -4.18
CA PHE A 16 -5.78 3.70 -3.00
C PHE A 16 -5.96 2.23 -3.38
N ASN A 17 -6.88 1.95 -4.30
CA ASN A 17 -7.09 0.59 -4.75
C ASN A 17 -5.84 0.04 -5.43
N TYR A 18 -5.17 0.86 -6.24
CA TYR A 18 -4.00 0.42 -6.97
C TYR A 18 -2.89 -0.03 -6.05
N LYS A 19 -2.54 0.88 -5.15
CA LYS A 19 -1.48 0.64 -4.20
C LYS A 19 -1.83 -0.53 -3.28
N SER A 20 -3.09 -0.59 -2.89
CA SER A 20 -3.54 -1.64 -2.00
C SER A 20 -3.27 -3.03 -2.60
N ASN A 21 -3.54 -3.11 -3.90
CA ASN A 21 -3.31 -4.33 -4.67
C ASN A 21 -1.82 -4.66 -4.70
N VAL A 22 -0.98 -3.63 -4.79
CA VAL A 22 0.47 -3.81 -4.83
C VAL A 22 0.97 -4.41 -3.52
N CYS A 23 0.52 -3.85 -2.41
CA CYS A 23 0.90 -4.33 -1.09
C CYS A 23 0.30 -5.70 -0.84
N ASN A 24 -0.94 -5.92 -1.22
CA ASN A 24 -1.57 -7.21 -1.00
C ASN A 24 -0.83 -8.27 -1.78
N GLY A 25 -0.20 -7.93 -2.90
CA GLY A 25 0.52 -8.92 -3.67
C GLY A 25 1.92 -9.12 -3.11
N CYS A 26 2.22 -8.51 -1.95
CA CYS A 26 3.57 -8.57 -1.38
C CYS A 26 3.73 -9.68 -0.36
N GLY A 27 3.25 -10.83 -0.76
CA GLY A 27 3.33 -12.03 0.05
C GLY A 27 2.86 -11.84 1.50
N ASP A 28 3.76 -12.08 2.47
CA ASP A 28 3.40 -11.91 3.91
C ASP A 28 3.82 -10.53 4.42
N GLN A 29 4.16 -9.61 3.52
CA GLN A 29 4.56 -8.26 3.94
C GLN A 29 3.40 -7.30 3.77
N VAL A 30 2.22 -7.86 3.50
CA VAL A 30 1.03 -7.05 3.28
C VAL A 30 0.90 -5.95 4.30
N ALA A 31 0.95 -6.31 5.61
CA ALA A 31 0.76 -5.34 6.65
C ALA A 31 1.87 -4.32 6.69
N ALA A 32 3.11 -4.77 6.51
CA ALA A 32 4.25 -3.88 6.52
C ALA A 32 4.16 -2.92 5.35
N CYS A 33 3.74 -3.48 4.23
CA CYS A 33 3.62 -2.70 3.01
C CYS A 33 2.53 -1.67 3.14
N GLU A 34 1.47 -2.03 3.90
CA GLU A 34 0.34 -1.14 4.11
C GLU A 34 0.62 -0.14 5.20
N ALA A 35 1.63 -0.35 6.03
CA ALA A 35 1.93 0.48 7.19
C ALA A 35 1.93 1.96 6.89
N GLU A 36 2.78 2.36 5.96
CA GLU A 36 2.89 3.77 5.64
C GLU A 36 2.11 4.15 4.39
N CYS A 37 0.89 3.63 4.25
CA CYS A 37 0.10 3.93 3.07
C CYS A 37 0.90 3.61 1.82
N PHE A 38 1.58 2.48 1.85
CA PHE A 38 2.35 2.04 0.72
C PHE A 38 3.55 2.92 0.50
N ARG A 39 3.79 3.85 1.44
CA ARG A 39 4.94 4.74 1.38
C ARG A 39 6.05 4.16 2.24
N ASN A 40 6.73 3.16 1.69
CA ASN A 40 7.82 2.51 2.41
C ASN A 40 8.72 1.77 1.44
N ASP A 41 9.87 1.31 1.95
CA ASP A 41 10.83 0.63 1.10
C ASP A 41 10.27 -0.72 0.70
N VAL A 42 9.45 -1.36 1.53
CA VAL A 42 8.85 -2.62 1.18
C VAL A 42 7.96 -2.43 -0.04
N TYR A 43 7.16 -1.36 -0.03
CA TYR A 43 6.28 -1.06 -1.13
C TYR A 43 7.10 -0.99 -2.39
N THR A 44 8.19 -0.24 -2.35
CA THR A 44 9.04 -0.11 -3.51
C THR A 44 9.52 -1.48 -4.01
N ALA A 45 10.04 -2.28 -3.08
CA ALA A 45 10.53 -3.64 -3.32
C ALA A 45 9.42 -4.48 -3.93
N CYS A 46 8.22 -4.36 -3.34
CA CYS A 46 7.06 -5.12 -3.82
C CYS A 46 6.65 -4.60 -5.21
N HIS A 47 6.59 -3.28 -5.34
CA HIS A 47 6.17 -2.66 -6.59
C HIS A 47 7.19 -2.93 -7.68
N GLU A 48 8.46 -2.80 -7.35
CA GLU A 48 9.54 -3.02 -8.30
C GLU A 48 9.62 -4.50 -8.67
N ALA A 49 9.18 -5.36 -7.75
CA ALA A 49 9.24 -6.80 -7.97
C ALA A 49 8.11 -7.24 -8.89
N GLN A 50 7.04 -6.45 -8.94
CA GLN A 50 5.90 -6.78 -9.79
C GLN A 50 6.09 -6.14 -11.17
N LYS A 51 5.89 -6.95 -12.21
CA LYS A 51 6.01 -6.48 -13.58
C LYS A 51 4.94 -5.44 -13.88
N SER A 1 -7.32 10.62 14.26
CA SER A 1 -6.29 9.57 14.45
C SER A 1 -6.80 8.25 13.89
N GLU A 2 -7.43 8.32 12.71
CA GLU A 2 -7.97 7.12 12.08
C GLU A 2 -6.86 6.31 11.42
N PRO A 3 -7.05 5.01 11.25
CA PRO A 3 -6.01 4.14 10.61
C PRO A 3 -5.97 4.28 9.08
N ASP A 4 -6.73 3.44 8.39
CA ASP A 4 -6.86 3.45 6.93
C ASP A 4 -8.09 4.28 6.53
N GLU A 5 -8.51 5.20 7.38
CA GLU A 5 -9.60 6.11 7.02
C GLU A 5 -8.99 7.47 6.61
N ILE A 6 -8.16 8.04 7.48
CA ILE A 6 -7.54 9.35 7.18
C ILE A 6 -6.65 9.24 5.96
N CYS A 7 -5.90 8.14 5.87
CA CYS A 7 -4.99 7.95 4.77
C CYS A 7 -5.73 8.04 3.43
N ARG A 8 -6.90 7.40 3.39
CA ARG A 8 -7.71 7.35 2.18
C ARG A 8 -8.21 8.73 1.84
N ALA A 9 -8.57 9.49 2.85
CA ALA A 9 -9.13 10.82 2.68
C ALA A 9 -8.14 11.74 1.98
N ARG A 10 -6.87 11.32 1.88
CA ARG A 10 -5.82 12.13 1.27
C ARG A 10 -5.50 11.64 -0.14
N MET A 11 -5.97 10.44 -0.49
CA MET A 11 -5.71 9.87 -1.82
C MET A 11 -7.01 9.53 -2.53
N THR A 12 -6.94 9.45 -3.84
CA THR A 12 -8.13 9.07 -4.60
C THR A 12 -8.40 7.58 -4.44
N HIS A 13 -9.62 7.15 -4.75
CA HIS A 13 -9.99 5.74 -4.63
C HIS A 13 -9.17 4.91 -5.62
N LYS A 14 -9.00 5.39 -6.83
CA LYS A 14 -8.25 4.63 -7.83
C LYS A 14 -6.82 4.39 -7.34
N GLU A 15 -6.23 5.42 -6.75
CA GLU A 15 -4.87 5.29 -6.24
C GLU A 15 -4.80 4.33 -5.07
N PHE A 16 -5.74 4.49 -4.15
CA PHE A 16 -5.79 3.63 -2.98
C PHE A 16 -5.96 2.17 -3.38
N ASN A 17 -6.86 1.89 -4.32
CA ASN A 17 -7.06 0.53 -4.78
C ASN A 17 -5.81 0.00 -5.47
N TYR A 18 -5.15 0.84 -6.28
CA TYR A 18 -3.97 0.44 -7.04
C TYR A 18 -2.82 0.02 -6.13
N LYS A 19 -2.47 0.95 -5.25
CA LYS A 19 -1.39 0.75 -4.32
C LYS A 19 -1.70 -0.40 -3.39
N SER A 20 -2.96 -0.48 -2.97
CA SER A 20 -3.38 -1.54 -2.07
C SER A 20 -3.12 -2.93 -2.67
N ASN A 21 -3.46 -3.03 -3.95
CA ASN A 21 -3.24 -4.26 -4.71
C ASN A 21 -1.76 -4.60 -4.79
N VAL A 22 -0.91 -3.57 -4.88
CA VAL A 22 0.54 -3.77 -4.95
C VAL A 22 1.03 -4.40 -3.65
N CYS A 23 0.58 -3.84 -2.53
CA CYS A 23 0.97 -4.36 -1.22
C CYS A 23 0.38 -5.74 -1.01
N ASN A 24 -0.85 -5.98 -1.42
CA ASN A 24 -1.44 -7.28 -1.24
C ASN A 24 -0.69 -8.33 -2.03
N GLY A 25 -0.08 -7.95 -3.18
CA GLY A 25 0.65 -8.93 -3.96
C GLY A 25 2.06 -9.10 -3.45
N CYS A 26 2.38 -8.43 -2.34
CA CYS A 26 3.75 -8.47 -1.83
C CYS A 26 4.06 -9.72 -1.05
N GLY A 27 3.06 -10.40 -0.49
CA GLY A 27 3.32 -11.65 0.23
C GLY A 27 2.85 -11.57 1.68
N ASP A 28 3.76 -11.81 2.63
CA ASP A 28 3.42 -11.75 4.06
C ASP A 28 3.81 -10.38 4.62
N GLN A 29 4.13 -9.43 3.74
CA GLN A 29 4.50 -8.09 4.18
C GLN A 29 3.32 -7.16 4.01
N VAL A 30 2.15 -7.73 3.71
CA VAL A 30 0.97 -6.93 3.49
C VAL A 30 0.84 -5.84 4.53
N ALA A 31 0.93 -6.19 5.81
CA ALA A 31 0.75 -5.21 6.86
C ALA A 31 1.87 -4.19 6.89
N ALA A 32 3.11 -4.64 6.67
CA ALA A 32 4.28 -3.76 6.66
C ALA A 32 4.17 -2.78 5.49
N CYS A 33 3.72 -3.35 4.38
CA CYS A 33 3.56 -2.59 3.16
C CYS A 33 2.45 -1.56 3.31
N GLU A 34 1.42 -1.95 4.06
CA GLU A 34 0.26 -1.08 4.29
C GLU A 34 0.54 -0.05 5.38
N ALA A 35 1.60 -0.26 6.17
CA ALA A 35 1.93 0.59 7.32
C ALA A 35 1.92 2.06 7.00
N GLU A 36 2.70 2.42 6.00
CA GLU A 36 2.84 3.82 5.65
C GLU A 36 2.04 4.19 4.42
N CYS A 37 0.83 3.63 4.29
CA CYS A 37 0.03 3.90 3.11
C CYS A 37 0.82 3.56 1.85
N PHE A 38 1.53 2.44 1.89
CA PHE A 38 2.29 1.99 0.75
C PHE A 38 3.49 2.88 0.52
N ARG A 39 3.75 3.80 1.45
CA ARG A 39 4.90 4.70 1.37
C ARG A 39 6.03 4.12 2.22
N ASN A 40 6.69 3.13 1.65
CA ASN A 40 7.78 2.47 2.36
C ASN A 40 8.66 1.72 1.39
N ASP A 41 9.81 1.27 1.87
CA ASP A 41 10.75 0.57 1.00
C ASP A 41 10.17 -0.77 0.60
N VAL A 42 9.40 -1.43 1.46
CA VAL A 42 8.79 -2.69 1.12
C VAL A 42 7.88 -2.51 -0.08
N TYR A 43 7.06 -1.47 -0.05
CA TYR A 43 6.17 -1.18 -1.16
C TYR A 43 6.99 -1.06 -2.42
N THR A 44 8.06 -0.29 -2.38
CA THR A 44 8.86 -0.11 -3.57
C THR A 44 9.38 -1.46 -4.11
N ALA A 45 10.00 -2.24 -3.20
CA ALA A 45 10.57 -3.57 -3.44
C ALA A 45 9.52 -4.52 -3.99
N CYS A 46 8.33 -4.43 -3.43
CA CYS A 46 7.25 -5.26 -3.91
C CYS A 46 6.80 -4.74 -5.30
N HIS A 47 6.77 -3.42 -5.45
CA HIS A 47 6.35 -2.83 -6.73
C HIS A 47 7.32 -3.15 -7.85
N GLU A 48 8.62 -3.05 -7.58
CA GLU A 48 9.63 -3.32 -8.59
C GLU A 48 9.69 -4.80 -8.94
N ALA A 49 9.31 -5.63 -7.97
CA ALA A 49 9.34 -7.08 -8.14
C ALA A 49 8.18 -7.54 -9.01
N GLN A 50 7.11 -6.75 -9.03
CA GLN A 50 5.95 -7.09 -9.86
C GLN A 50 6.10 -6.44 -11.22
N LYS A 51 5.87 -7.24 -12.26
CA LYS A 51 5.95 -6.76 -13.63
C LYS A 51 4.71 -5.95 -13.97
N SER A 1 -6.97 10.47 16.09
CA SER A 1 -6.69 10.47 14.63
C SER A 1 -7.08 9.12 14.05
N GLU A 2 -8.13 9.12 13.23
CA GLU A 2 -8.60 7.88 12.61
C GLU A 2 -7.41 7.11 12.01
N PRO A 3 -7.55 5.81 11.83
CA PRO A 3 -6.47 4.94 11.27
C PRO A 3 -6.25 5.13 9.76
N ASP A 4 -6.80 4.18 8.98
CA ASP A 4 -6.69 4.21 7.50
C ASP A 4 -7.70 5.23 6.99
N GLU A 5 -8.82 5.46 7.64
CA GLU A 5 -9.76 6.44 7.11
C GLU A 5 -9.05 7.75 6.69
N ILE A 6 -8.09 8.16 7.52
CA ILE A 6 -7.32 9.39 7.24
C ILE A 6 -6.48 9.24 5.97
N CYS A 7 -5.87 8.07 5.80
CA CYS A 7 -5.04 7.85 4.62
C CYS A 7 -5.89 7.92 3.35
N ARG A 8 -7.07 7.30 3.41
CA ARG A 8 -7.96 7.25 2.26
C ARG A 8 -8.47 8.64 1.91
N ALA A 9 -8.79 9.41 2.94
CA ALA A 9 -9.34 10.75 2.77
C ALA A 9 -8.35 11.68 2.09
N ARG A 10 -7.09 11.27 2.00
CA ARG A 10 -6.04 12.11 1.42
C ARG A 10 -5.66 11.63 0.02
N MET A 11 -6.10 10.43 -0.35
CA MET A 11 -5.78 9.84 -1.66
C MET A 11 -7.07 9.50 -2.41
N THR A 12 -6.98 9.42 -3.73
CA THR A 12 -8.13 9.02 -4.54
C THR A 12 -8.38 7.52 -4.40
N HIS A 13 -9.59 7.09 -4.76
CA HIS A 13 -9.94 5.67 -4.68
C HIS A 13 -9.11 4.86 -5.67
N LYS A 14 -8.92 5.37 -6.87
CA LYS A 14 -8.16 4.66 -7.89
C LYS A 14 -6.73 4.42 -7.41
N GLU A 15 -6.14 5.44 -6.83
CA GLU A 15 -4.77 5.33 -6.35
C GLU A 15 -4.70 4.35 -5.19
N PHE A 16 -5.63 4.51 -4.26
CA PHE A 16 -5.69 3.64 -3.09
C PHE A 16 -5.87 2.19 -3.47
N ASN A 17 -6.78 1.90 -4.39
CA ASN A 17 -7.01 0.54 -4.85
C ASN A 17 -5.77 -0.01 -5.55
N TYR A 18 -5.12 0.80 -6.38
CA TYR A 18 -3.95 0.38 -7.13
C TYR A 18 -2.82 -0.06 -6.21
N LYS A 19 -2.49 0.83 -5.29
CA LYS A 19 -1.41 0.59 -4.35
C LYS A 19 -1.73 -0.59 -3.44
N SER A 20 -3.00 -0.67 -3.05
CA SER A 20 -3.44 -1.74 -2.17
C SER A 20 -3.18 -3.11 -2.79
N ASN A 21 -3.48 -3.18 -4.09
CA ASN A 21 -3.23 -4.39 -4.87
C ASN A 21 -1.74 -4.72 -4.91
N VAL A 22 -0.91 -3.68 -4.99
CA VAL A 22 0.55 -3.86 -5.03
C VAL A 22 1.04 -4.48 -3.73
N CYS A 23 0.57 -3.92 -2.61
CA CYS A 23 0.97 -4.43 -1.30
C CYS A 23 0.39 -5.81 -1.10
N ASN A 24 -0.81 -6.07 -1.54
CA ASN A 24 -1.41 -7.37 -1.38
C ASN A 24 -0.66 -8.41 -2.16
N GLY A 25 -0.03 -8.03 -3.27
CA GLY A 25 0.72 -8.99 -4.07
C GLY A 25 2.13 -9.16 -3.52
N CYS A 26 2.43 -8.51 -2.39
CA CYS A 26 3.80 -8.54 -1.88
C CYS A 26 4.10 -9.79 -1.08
N GLY A 27 3.10 -10.48 -0.55
CA GLY A 27 3.34 -11.72 0.18
C GLY A 27 2.88 -11.63 1.63
N ASP A 28 3.79 -11.88 2.57
CA ASP A 28 3.46 -11.81 4.00
C ASP A 28 3.85 -10.44 4.56
N GLN A 29 4.17 -9.51 3.68
CA GLN A 29 4.53 -8.15 4.10
C GLN A 29 3.35 -7.22 3.92
N VAL A 30 2.20 -7.81 3.62
CA VAL A 30 1.01 -7.00 3.39
C VAL A 30 0.87 -5.90 4.42
N ALA A 31 0.94 -6.25 5.71
CA ALA A 31 0.77 -5.27 6.76
C ALA A 31 1.89 -4.25 6.79
N ALA A 32 3.13 -4.71 6.58
CA ALA A 32 4.29 -3.83 6.56
C ALA A 32 4.18 -2.86 5.38
N CYS A 33 3.74 -3.43 4.27
CA CYS A 33 3.60 -2.67 3.05
C CYS A 33 2.48 -1.63 3.19
N GLU A 34 1.44 -2.02 3.95
CA GLU A 34 0.29 -1.15 4.18
C GLU A 34 0.56 -0.14 5.28
N ALA A 35 1.60 -0.37 6.09
CA ALA A 35 1.93 0.48 7.23
C ALA A 35 1.91 1.96 6.92
N GLU A 36 2.70 2.34 5.94
CA GLU A 36 2.83 3.76 5.60
C GLU A 36 2.07 4.13 4.36
N CYS A 37 0.86 3.58 4.21
CA CYS A 37 0.06 3.85 3.03
C CYS A 37 0.87 3.52 1.78
N PHE A 38 1.58 2.39 1.81
CA PHE A 38 2.36 1.97 0.68
C PHE A 38 3.57 2.86 0.48
N ARG A 39 3.80 3.78 1.41
CA ARG A 39 4.94 4.69 1.37
C ARG A 39 6.06 4.10 2.23
N ASN A 40 6.73 3.11 1.67
CA ASN A 40 7.82 2.45 2.38
C ASN A 40 8.71 1.71 1.41
N ASP A 41 9.86 1.26 1.90
CA ASP A 41 10.81 0.57 1.02
C ASP A 41 10.24 -0.78 0.62
N VAL A 42 9.46 -1.43 1.46
CA VAL A 42 8.86 -2.71 1.12
C VAL A 42 7.94 -2.52 -0.09
N TYR A 43 7.15 -1.45 -0.08
CA TYR A 43 6.26 -1.14 -1.19
C TYR A 43 7.09 -1.03 -2.47
N THR A 44 8.18 -0.27 -2.42
CA THR A 44 9.01 -0.12 -3.59
C THR A 44 9.52 -1.47 -4.09
N ALA A 45 10.08 -2.25 -3.17
CA ALA A 45 10.60 -3.59 -3.43
C ALA A 45 9.52 -4.51 -4.01
N CYS A 46 8.33 -4.47 -3.39
CA CYS A 46 7.23 -5.29 -3.87
C CYS A 46 6.76 -4.78 -5.23
N HIS A 47 6.69 -3.45 -5.37
CA HIS A 47 6.27 -2.86 -6.62
C HIS A 47 7.29 -3.13 -7.72
N GLU A 48 8.57 -3.00 -7.39
CA GLU A 48 9.63 -3.24 -8.36
C GLU A 48 9.69 -4.72 -8.75
N ALA A 49 9.28 -5.58 -7.83
CA ALA A 49 9.34 -7.01 -8.05
C ALA A 49 8.20 -7.45 -8.96
N GLN A 50 7.12 -6.66 -9.00
CA GLN A 50 5.98 -6.99 -9.86
C GLN A 50 6.15 -6.32 -11.21
N LYS A 51 5.86 -7.08 -12.27
CA LYS A 51 5.96 -6.57 -13.63
C LYS A 51 4.78 -5.66 -13.95
N SER A 1 -6.97 10.36 14.81
CA SER A 1 -5.93 9.80 13.89
C SER A 1 -6.37 8.43 13.40
N GLU A 2 -7.49 8.38 12.69
CA GLU A 2 -8.00 7.12 12.18
C GLU A 2 -6.90 6.32 11.50
N PRO A 3 -7.11 5.03 11.32
CA PRO A 3 -6.09 4.14 10.68
C PRO A 3 -6.05 4.29 9.16
N ASP A 4 -6.79 3.44 8.46
CA ASP A 4 -6.84 3.45 6.99
C ASP A 4 -8.04 4.30 6.54
N GLU A 5 -8.48 5.21 7.37
CA GLU A 5 -9.56 6.12 6.97
C GLU A 5 -8.95 7.48 6.58
N ILE A 6 -8.14 8.03 7.45
CA ILE A 6 -7.53 9.33 7.17
C ILE A 6 -6.65 9.26 5.93
N CYS A 7 -5.90 8.17 5.83
CA CYS A 7 -4.99 8.00 4.70
C CYS A 7 -5.74 8.10 3.38
N ARG A 8 -6.89 7.46 3.33
CA ARG A 8 -7.71 7.43 2.13
C ARG A 8 -8.21 8.80 1.79
N ALA A 9 -8.52 9.57 2.82
CA ALA A 9 -9.05 10.91 2.64
C ALA A 9 -8.07 11.81 1.93
N ARG A 10 -6.81 11.39 1.81
CA ARG A 10 -5.78 12.19 1.18
C ARG A 10 -5.48 11.70 -0.22
N MET A 11 -5.96 10.48 -0.56
CA MET A 11 -5.72 9.90 -1.88
C MET A 11 -7.04 9.56 -2.57
N THR A 12 -6.99 9.45 -3.88
CA THR A 12 -8.19 9.05 -4.63
C THR A 12 -8.44 7.55 -4.44
N HIS A 13 -9.67 7.12 -4.75
CA HIS A 13 -10.03 5.71 -4.62
C HIS A 13 -9.23 4.87 -5.61
N LYS A 14 -9.08 5.35 -6.84
CA LYS A 14 -8.34 4.60 -7.84
C LYS A 14 -6.90 4.37 -7.38
N GLU A 15 -6.30 5.38 -6.79
CA GLU A 15 -4.92 5.27 -6.34
C GLU A 15 -4.82 4.30 -5.16
N PHE A 16 -5.73 4.47 -4.21
CA PHE A 16 -5.74 3.60 -3.04
C PHE A 16 -5.91 2.14 -3.42
N ASN A 17 -6.85 1.85 -4.33
CA ASN A 17 -7.05 0.50 -4.80
C ASN A 17 -5.81 -0.02 -5.49
N TYR A 18 -5.17 0.80 -6.32
CA TYR A 18 -4.01 0.39 -7.07
C TYR A 18 -2.89 -0.04 -6.16
N LYS A 19 -2.55 0.86 -5.24
CA LYS A 19 -1.48 0.63 -4.30
C LYS A 19 -1.79 -0.54 -3.39
N SER A 20 -3.05 -0.62 -2.99
CA SER A 20 -3.47 -1.70 -2.11
C SER A 20 -3.21 -3.08 -2.72
N ASN A 21 -3.53 -3.15 -4.02
CA ASN A 21 -3.30 -4.37 -4.80
C ASN A 21 -1.81 -4.68 -4.85
N VAL A 22 -0.98 -3.65 -4.93
CA VAL A 22 0.48 -3.83 -4.99
C VAL A 22 0.98 -4.45 -3.69
N CYS A 23 0.52 -3.91 -2.57
CA CYS A 23 0.93 -4.41 -1.27
C CYS A 23 0.35 -5.81 -1.05
N ASN A 24 -0.88 -6.05 -1.43
CA ASN A 24 -1.49 -7.36 -1.24
C ASN A 24 -0.73 -8.41 -2.03
N GLY A 25 -0.11 -8.01 -3.15
CA GLY A 25 0.63 -8.96 -3.97
C GLY A 25 2.04 -9.13 -3.46
N CYS A 26 2.38 -8.45 -2.36
CA CYS A 26 3.74 -8.46 -1.84
C CYS A 26 4.05 -9.73 -1.11
N GLY A 27 3.08 -10.35 -0.47
CA GLY A 27 3.29 -11.61 0.20
C GLY A 27 2.84 -11.55 1.66
N ASP A 28 3.77 -11.81 2.59
CA ASP A 28 3.45 -11.76 4.02
C ASP A 28 3.85 -10.39 4.59
N GLN A 29 4.16 -9.45 3.72
CA GLN A 29 4.53 -8.11 4.17
C GLN A 29 3.35 -7.17 4.00
N VAL A 30 2.19 -7.74 3.70
CA VAL A 30 0.99 -6.94 3.48
C VAL A 30 0.86 -5.83 4.51
N ALA A 31 0.94 -6.19 5.79
CA ALA A 31 0.78 -5.21 6.85
C ALA A 31 1.89 -4.20 6.87
N ALA A 32 3.12 -4.66 6.63
CA ALA A 32 4.28 -3.78 6.61
C ALA A 32 4.14 -2.80 5.44
N CYS A 33 3.70 -3.37 4.32
CA CYS A 33 3.54 -2.57 3.10
C CYS A 33 2.43 -1.55 3.25
N GLU A 34 1.40 -1.93 4.03
CA GLU A 34 0.27 -1.06 4.28
C GLU A 34 0.58 -0.08 5.37
N ALA A 35 1.62 -0.31 6.16
CA ALA A 35 1.95 0.52 7.29
C ALA A 35 1.93 2.00 6.98
N GLU A 36 2.78 2.40 6.04
CA GLU A 36 2.88 3.81 5.70
C GLU A 36 2.10 4.17 4.44
N CYS A 37 0.90 3.62 4.31
CA CYS A 37 0.09 3.87 3.11
C CYS A 37 0.91 3.54 1.87
N PHE A 38 1.63 2.44 1.91
CA PHE A 38 2.41 2.01 0.76
C PHE A 38 3.60 2.91 0.55
N ARG A 39 3.88 3.77 1.53
CA ARG A 39 5.01 4.68 1.47
C ARG A 39 6.16 4.08 2.31
N ASN A 40 6.82 3.08 1.74
CA ASN A 40 7.94 2.43 2.43
C ASN A 40 8.81 1.69 1.44
N ASP A 41 9.97 1.23 1.92
CA ASP A 41 10.91 0.54 1.04
C ASP A 41 10.34 -0.80 0.62
N VAL A 42 9.53 -1.44 1.47
CA VAL A 42 8.92 -2.70 1.12
C VAL A 42 7.99 -2.51 -0.07
N TYR A 43 7.21 -1.43 -0.05
CA TYR A 43 6.31 -1.12 -1.13
C TYR A 43 7.10 -1.03 -2.42
N THR A 44 8.20 -0.29 -2.39
CA THR A 44 9.03 -0.15 -3.56
C THR A 44 9.51 -1.50 -4.05
N ALA A 45 10.09 -2.29 -3.12
CA ALA A 45 10.59 -3.64 -3.39
C ALA A 45 9.49 -4.51 -3.99
N CYS A 46 8.30 -4.43 -3.38
CA CYS A 46 7.17 -5.22 -3.86
C CYS A 46 6.70 -4.71 -5.22
N HIS A 47 6.62 -3.39 -5.34
CA HIS A 47 6.16 -2.77 -6.57
C HIS A 47 7.14 -3.03 -7.69
N GLU A 48 8.43 -2.88 -7.40
CA GLU A 48 9.47 -3.10 -8.38
C GLU A 48 9.56 -4.57 -8.76
N ALA A 49 9.15 -5.44 -7.84
CA ALA A 49 9.22 -6.87 -8.06
C ALA A 49 8.09 -7.33 -8.96
N GLN A 50 7.01 -6.54 -8.99
CA GLN A 50 5.85 -6.88 -9.82
C GLN A 50 6.00 -6.22 -11.19
N LYS A 51 5.68 -6.98 -12.25
CA LYS A 51 5.75 -6.46 -13.61
C LYS A 51 4.84 -5.25 -13.76
N SER A 1 -7.27 9.68 15.79
CA SER A 1 -6.43 9.35 14.61
C SER A 1 -6.94 8.06 13.98
N GLU A 2 -7.52 8.19 12.80
CA GLU A 2 -8.07 7.02 12.10
C GLU A 2 -6.93 6.21 11.45
N PRO A 3 -7.12 4.92 11.27
CA PRO A 3 -6.09 4.04 10.64
C PRO A 3 -6.02 4.20 9.12
N ASP A 4 -6.79 3.39 8.42
CA ASP A 4 -6.87 3.42 6.96
C ASP A 4 -8.07 4.27 6.54
N GLU A 5 -8.46 5.20 7.36
CA GLU A 5 -9.54 6.14 6.99
C GLU A 5 -8.92 7.48 6.59
N ILE A 6 -8.10 8.06 7.44
CA ILE A 6 -7.47 9.34 7.14
C ILE A 6 -6.58 9.23 5.91
N CYS A 7 -5.85 8.15 5.83
CA CYS A 7 -4.95 7.94 4.71
C CYS A 7 -5.70 8.03 3.39
N ARG A 8 -6.85 7.37 3.35
CA ARG A 8 -7.66 7.31 2.14
C ARG A 8 -8.18 8.70 1.81
N ALA A 9 -8.50 9.46 2.83
CA ALA A 9 -9.05 10.79 2.65
C ALA A 9 -8.08 11.70 1.98
N ARG A 10 -6.81 11.29 1.87
CA ARG A 10 -5.77 12.10 1.25
C ARG A 10 -5.46 11.62 -0.15
N MET A 11 -5.96 10.42 -0.51
CA MET A 11 -5.70 9.86 -1.84
C MET A 11 -7.01 9.52 -2.53
N THR A 12 -6.96 9.42 -3.85
CA THR A 12 -8.15 9.04 -4.61
C THR A 12 -8.41 7.53 -4.45
N HIS A 13 -9.62 7.11 -4.76
CA HIS A 13 -10.00 5.69 -4.66
C HIS A 13 -9.18 4.87 -5.65
N LYS A 14 -8.99 5.37 -6.87
CA LYS A 14 -8.23 4.65 -7.87
C LYS A 14 -6.81 4.42 -7.38
N GLU A 15 -6.22 5.44 -6.78
CA GLU A 15 -4.86 5.33 -6.30
C GLU A 15 -4.78 4.37 -5.12
N PHE A 16 -5.70 4.52 -4.20
CA PHE A 16 -5.74 3.67 -3.02
C PHE A 16 -5.92 2.20 -3.40
N ASN A 17 -6.84 1.92 -4.32
CA ASN A 17 -7.07 0.56 -4.78
C ASN A 17 -5.83 0.02 -5.47
N TYR A 18 -5.18 0.85 -6.30
CA TYR A 18 -4.00 0.42 -7.04
C TYR A 18 -2.88 -0.01 -6.13
N LYS A 19 -2.53 0.88 -5.22
CA LYS A 19 -1.46 0.64 -4.27
C LYS A 19 -1.79 -0.53 -3.37
N SER A 20 -3.05 -0.61 -2.97
CA SER A 20 -3.49 -1.69 -2.10
C SER A 20 -3.23 -3.07 -2.71
N ASN A 21 -3.53 -3.14 -4.01
CA ASN A 21 -3.32 -4.36 -4.78
C ASN A 21 -1.83 -4.69 -4.84
N VAL A 22 -0.99 -3.66 -4.93
CA VAL A 22 0.46 -3.84 -4.98
C VAL A 22 0.97 -4.46 -3.69
N CYS A 23 0.55 -3.89 -2.56
CA CYS A 23 0.96 -4.40 -1.25
C CYS A 23 0.38 -5.78 -1.03
N ASN A 24 -0.85 -6.02 -1.43
CA ASN A 24 -1.46 -7.33 -1.24
C ASN A 24 -0.72 -8.38 -2.02
N GLY A 25 -0.09 -8.00 -3.15
CA GLY A 25 0.64 -8.96 -3.96
C GLY A 25 2.06 -9.14 -3.44
N CYS A 26 2.40 -8.45 -2.34
CA CYS A 26 3.74 -8.48 -1.81
C CYS A 26 4.04 -9.74 -1.07
N GLY A 27 3.06 -10.37 -0.43
CA GLY A 27 3.26 -11.63 0.24
C GLY A 27 2.81 -11.54 1.69
N ASP A 28 3.73 -11.81 2.63
CA ASP A 28 3.42 -11.75 4.06
C ASP A 28 3.81 -10.38 4.62
N GLN A 29 4.13 -9.43 3.74
CA GLN A 29 4.49 -8.08 4.17
C GLN A 29 3.32 -7.15 4.00
N VAL A 30 2.15 -7.72 3.69
CA VAL A 30 0.96 -6.91 3.47
C VAL A 30 0.82 -5.80 4.50
N ALA A 31 0.90 -6.16 5.78
CA ALA A 31 0.76 -5.19 6.82
C ALA A 31 1.89 -4.18 6.85
N ALA A 32 3.12 -4.65 6.61
CA ALA A 32 4.27 -3.79 6.60
C ALA A 32 4.16 -2.82 5.43
N CYS A 33 3.74 -3.38 4.31
CA CYS A 33 3.59 -2.59 3.08
C CYS A 33 2.50 -1.55 3.23
N GLU A 34 1.45 -1.92 3.99
CA GLU A 34 0.32 -1.06 4.22
C GLU A 34 0.61 -0.07 5.30
N ALA A 35 1.65 -0.29 6.10
CA ALA A 35 1.97 0.55 7.23
C ALA A 35 1.96 2.03 6.90
N GLU A 36 2.81 2.42 5.97
CA GLU A 36 2.91 3.82 5.62
C GLU A 36 2.12 4.18 4.37
N CYS A 37 0.91 3.64 4.24
CA CYS A 37 0.11 3.89 3.05
C CYS A 37 0.93 3.57 1.82
N PHE A 38 1.63 2.46 1.84
CA PHE A 38 2.40 2.04 0.70
C PHE A 38 3.60 2.93 0.49
N ARG A 39 3.84 3.84 1.44
CA ARG A 39 4.98 4.75 1.38
C ARG A 39 6.10 4.16 2.23
N ASN A 40 6.76 3.14 1.66
CA ASN A 40 7.87 2.48 2.36
C ASN A 40 8.74 1.73 1.39
N ASP A 41 9.91 1.27 1.87
CA ASP A 41 10.85 0.58 1.02
C ASP A 41 10.27 -0.76 0.62
N VAL A 42 9.47 -1.41 1.46
CA VAL A 42 8.85 -2.67 1.13
C VAL A 42 7.93 -2.49 -0.07
N TYR A 43 7.15 -1.41 -0.05
CA TYR A 43 6.25 -1.11 -1.14
C TYR A 43 7.05 -1.04 -2.42
N THR A 44 8.15 -0.28 -2.38
CA THR A 44 8.98 -0.15 -3.55
C THR A 44 9.48 -1.49 -4.04
N ALA A 45 10.05 -2.29 -3.11
CA ALA A 45 10.57 -3.63 -3.37
C ALA A 45 9.48 -4.50 -3.95
N CYS A 46 8.29 -4.43 -3.33
CA CYS A 46 7.15 -5.23 -3.82
C CYS A 46 6.68 -4.73 -5.18
N HIS A 47 6.61 -3.41 -5.31
CA HIS A 47 6.15 -2.78 -6.53
C HIS A 47 7.13 -3.03 -7.66
N GLU A 48 8.41 -2.90 -7.35
CA GLU A 48 9.46 -3.12 -8.33
C GLU A 48 9.55 -4.58 -8.72
N ALA A 49 9.13 -5.46 -7.80
CA ALA A 49 9.20 -6.90 -8.02
C ALA A 49 8.07 -7.35 -8.92
N GLN A 50 6.99 -6.56 -8.96
CA GLN A 50 5.85 -6.90 -9.81
C GLN A 50 6.00 -6.24 -11.17
N LYS A 51 5.64 -7.00 -12.22
CA LYS A 51 5.70 -6.49 -13.59
C LYS A 51 4.96 -7.43 -14.54
N SER A 1 -8.19 7.47 16.50
CA SER A 1 -7.10 6.57 16.03
C SER A 1 -7.32 6.26 14.56
N GLU A 2 -7.87 7.21 13.83
CA GLU A 2 -8.13 7.01 12.41
C GLU A 2 -6.98 6.24 11.74
N PRO A 3 -7.17 4.98 11.42
CA PRO A 3 -6.11 4.15 10.79
C PRO A 3 -6.01 4.34 9.26
N ASP A 4 -6.77 3.54 8.55
CA ASP A 4 -6.87 3.58 7.08
C ASP A 4 -8.08 4.43 6.68
N GLU A 5 -8.46 5.38 7.50
CA GLU A 5 -9.53 6.32 7.14
C GLU A 5 -8.89 7.66 6.69
N ILE A 6 -7.96 8.16 7.50
CA ILE A 6 -7.32 9.43 7.17
C ILE A 6 -6.49 9.30 5.91
N CYS A 7 -5.80 8.19 5.79
CA CYS A 7 -4.94 7.97 4.65
C CYS A 7 -5.74 8.04 3.35
N ARG A 8 -6.91 7.41 3.38
CA ARG A 8 -7.78 7.33 2.22
C ARG A 8 -8.31 8.70 1.86
N ALA A 9 -8.65 9.46 2.87
CA ALA A 9 -9.20 10.79 2.69
C ALA A 9 -8.22 11.72 2.01
N ARG A 10 -6.94 11.32 1.91
CA ARG A 10 -5.92 12.15 1.31
C ARG A 10 -5.56 11.68 -0.09
N MET A 11 -6.01 10.47 -0.45
CA MET A 11 -5.72 9.88 -1.76
C MET A 11 -7.01 9.53 -2.50
N THR A 12 -6.94 9.45 -3.81
CA THR A 12 -8.09 9.06 -4.60
C THR A 12 -8.37 7.57 -4.44
N HIS A 13 -9.59 7.15 -4.78
CA HIS A 13 -9.98 5.75 -4.69
C HIS A 13 -9.19 4.90 -5.67
N LYS A 14 -9.03 5.39 -6.90
CA LYS A 14 -8.29 4.63 -7.91
C LYS A 14 -6.87 4.39 -7.44
N GLU A 15 -6.26 5.41 -6.87
CA GLU A 15 -4.88 5.28 -6.42
C GLU A 15 -4.79 4.33 -5.24
N PHE A 16 -5.70 4.49 -4.30
CA PHE A 16 -5.73 3.65 -3.12
C PHE A 16 -5.92 2.19 -3.49
N ASN A 17 -6.86 1.89 -4.39
CA ASN A 17 -7.08 0.53 -4.84
C ASN A 17 -5.85 -0.02 -5.54
N TYR A 18 -5.20 0.79 -6.38
CA TYR A 18 -4.04 0.35 -7.14
C TYR A 18 -2.90 -0.09 -6.23
N LYS A 19 -2.54 0.81 -5.33
CA LYS A 19 -1.47 0.59 -4.40
C LYS A 19 -1.79 -0.57 -3.48
N SER A 20 -3.05 -0.65 -3.08
CA SER A 20 -3.47 -1.70 -2.17
C SER A 20 -3.21 -3.09 -2.76
N ASN A 21 -3.53 -3.18 -4.05
CA ASN A 21 -3.31 -4.39 -4.82
C ASN A 21 -1.82 -4.72 -4.89
N VAL A 22 -0.98 -3.69 -4.98
CA VAL A 22 0.46 -3.87 -5.04
C VAL A 22 0.97 -4.49 -3.74
N CYS A 23 0.53 -3.93 -2.61
CA CYS A 23 0.93 -4.44 -1.31
C CYS A 23 0.34 -5.82 -1.08
N ASN A 24 -0.89 -6.06 -1.46
CA ASN A 24 -1.49 -7.36 -1.25
C ASN A 24 -0.74 -8.41 -2.06
N GLY A 25 -0.12 -8.03 -3.19
CA GLY A 25 0.62 -8.99 -3.98
C GLY A 25 2.03 -9.16 -3.47
N CYS A 26 2.36 -8.49 -2.34
CA CYS A 26 3.70 -8.51 -1.82
C CYS A 26 4.01 -9.76 -1.06
N GLY A 27 3.04 -10.42 -0.45
CA GLY A 27 3.29 -11.67 0.24
C GLY A 27 2.85 -11.58 1.70
N ASP A 28 3.77 -11.83 2.64
CA ASP A 28 3.44 -11.76 4.07
C ASP A 28 3.84 -10.39 4.61
N GLN A 29 4.15 -9.45 3.73
CA GLN A 29 4.52 -8.11 4.15
C GLN A 29 3.34 -7.16 3.98
N VAL A 30 2.18 -7.73 3.69
CA VAL A 30 0.99 -6.94 3.47
C VAL A 30 0.86 -5.84 4.51
N ALA A 31 0.95 -6.19 5.79
CA ALA A 31 0.79 -5.22 6.83
C ALA A 31 1.91 -4.19 6.84
N ALA A 32 3.14 -4.65 6.62
CA ALA A 32 4.28 -3.76 6.60
C ALA A 32 4.16 -2.79 5.43
N CYS A 33 3.70 -3.36 4.32
CA CYS A 33 3.53 -2.60 3.10
C CYS A 33 2.44 -1.55 3.25
N GLU A 34 1.42 -1.93 4.02
CA GLU A 34 0.27 -1.07 4.27
C GLU A 34 0.57 -0.07 5.36
N ALA A 35 1.64 -0.28 6.14
CA ALA A 35 1.98 0.56 7.29
C ALA A 35 1.97 2.03 6.96
N GLU A 36 2.79 2.41 5.99
CA GLU A 36 2.90 3.82 5.65
C GLU A 36 2.12 4.17 4.39
N CYS A 37 0.92 3.61 4.24
CA CYS A 37 0.12 3.87 3.06
C CYS A 37 0.95 3.55 1.82
N PHE A 38 1.67 2.44 1.86
CA PHE A 38 2.45 2.00 0.73
C PHE A 38 3.66 2.90 0.53
N ARG A 39 3.91 3.81 1.49
CA ARG A 39 5.04 4.71 1.43
C ARG A 39 6.17 4.13 2.28
N ASN A 40 6.83 3.14 1.71
CA ASN A 40 7.95 2.48 2.41
C ASN A 40 8.81 1.73 1.41
N ASP A 41 9.98 1.27 1.90
CA ASP A 41 10.90 0.56 1.03
C ASP A 41 10.29 -0.77 0.63
N VAL A 42 9.51 -1.42 1.49
CA VAL A 42 8.89 -2.69 1.14
C VAL A 42 7.98 -2.49 -0.05
N TYR A 43 7.19 -1.42 -0.03
CA TYR A 43 6.29 -1.12 -1.13
C TYR A 43 7.10 -1.04 -2.39
N THR A 44 8.19 -0.30 -2.35
CA THR A 44 9.01 -0.16 -3.53
C THR A 44 9.50 -1.52 -4.04
N ALA A 45 10.07 -2.32 -3.13
CA ALA A 45 10.58 -3.68 -3.37
C ALA A 45 9.48 -4.54 -3.97
N CYS A 46 8.29 -4.46 -3.35
CA CYS A 46 7.15 -5.24 -3.83
C CYS A 46 6.69 -4.72 -5.19
N HIS A 47 6.62 -3.39 -5.31
CA HIS A 47 6.16 -2.78 -6.55
C HIS A 47 7.16 -3.02 -7.67
N GLU A 48 8.44 -2.88 -7.36
CA GLU A 48 9.49 -3.08 -8.35
C GLU A 48 9.59 -4.55 -8.73
N ALA A 49 9.18 -5.42 -7.80
CA ALA A 49 9.25 -6.85 -8.03
C ALA A 49 8.12 -7.31 -8.93
N GLN A 50 7.03 -6.54 -8.96
CA GLN A 50 5.89 -6.88 -9.81
C GLN A 50 6.04 -6.23 -11.18
N LYS A 51 5.81 -7.02 -12.22
CA LYS A 51 5.89 -6.52 -13.59
C LYS A 51 4.81 -5.47 -13.83
N SER A 1 -5.75 10.05 16.05
CA SER A 1 -5.93 10.08 14.58
C SER A 1 -6.44 8.72 14.11
N GLU A 2 -7.33 8.74 13.13
CA GLU A 2 -7.90 7.50 12.62
C GLU A 2 -6.82 6.66 11.91
N PRO A 3 -7.10 5.41 11.63
CA PRO A 3 -6.11 4.50 10.98
C PRO A 3 -6.06 4.63 9.44
N ASP A 4 -6.79 3.76 8.75
CA ASP A 4 -6.85 3.74 7.28
C ASP A 4 -8.07 4.54 6.80
N GLU A 5 -8.51 5.48 7.61
CA GLU A 5 -9.59 6.37 7.18
C GLU A 5 -8.97 7.72 6.76
N ILE A 6 -7.97 8.18 7.51
CA ILE A 6 -7.30 9.45 7.18
C ILE A 6 -6.50 9.32 5.90
N CYS A 7 -5.83 8.18 5.75
CA CYS A 7 -5.00 7.94 4.59
C CYS A 7 -5.83 7.99 3.31
N ARG A 8 -7.00 7.37 3.36
CA ARG A 8 -7.89 7.28 2.20
C ARG A 8 -8.39 8.66 1.85
N ALA A 9 -8.74 9.43 2.87
CA ALA A 9 -9.30 10.76 2.68
C ALA A 9 -8.31 11.69 2.01
N ARG A 10 -7.04 11.29 1.94
CA ARG A 10 -5.98 12.12 1.36
C ARG A 10 -5.61 11.65 -0.04
N MET A 11 -6.06 10.45 -0.41
CA MET A 11 -5.75 9.86 -1.72
C MET A 11 -7.02 9.52 -2.47
N THR A 12 -6.92 9.43 -3.78
CA THR A 12 -8.08 9.06 -4.59
C THR A 12 -8.37 7.57 -4.44
N HIS A 13 -9.59 7.18 -4.81
CA HIS A 13 -9.99 5.77 -4.71
C HIS A 13 -9.19 4.93 -5.70
N LYS A 14 -9.01 5.41 -6.92
CA LYS A 14 -8.28 4.66 -7.93
C LYS A 14 -6.85 4.41 -7.46
N GLU A 15 -6.24 5.42 -6.86
CA GLU A 15 -4.87 5.29 -6.40
C GLU A 15 -4.79 4.33 -5.23
N PHE A 16 -5.73 4.49 -4.30
CA PHE A 16 -5.77 3.64 -3.12
C PHE A 16 -5.95 2.17 -3.50
N ASN A 17 -6.85 1.89 -4.43
CA ASN A 17 -7.08 0.52 -4.89
C ASN A 17 -5.83 -0.02 -5.57
N TYR A 18 -5.17 0.80 -6.40
CA TYR A 18 -3.99 0.36 -7.14
C TYR A 18 -2.86 -0.07 -6.22
N LYS A 19 -2.52 0.83 -5.31
CA LYS A 19 -1.45 0.60 -4.37
C LYS A 19 -1.78 -0.58 -3.46
N SER A 20 -3.04 -0.65 -3.06
CA SER A 20 -3.48 -1.71 -2.17
C SER A 20 -3.21 -3.08 -2.77
N ASN A 21 -3.51 -3.17 -4.06
CA ASN A 21 -3.26 -4.39 -4.83
C ASN A 21 -1.76 -4.70 -4.86
N VAL A 22 -0.92 -3.67 -4.96
CA VAL A 22 0.52 -3.85 -4.99
C VAL A 22 1.03 -4.47 -3.70
N CYS A 23 0.58 -3.90 -2.57
CA CYS A 23 0.97 -4.41 -1.27
C CYS A 23 0.39 -5.79 -1.05
N ASN A 24 -0.82 -6.04 -1.49
CA ASN A 24 -1.42 -7.34 -1.29
C ASN A 24 -0.67 -8.39 -2.08
N GLY A 25 -0.04 -8.01 -3.20
CA GLY A 25 0.70 -8.98 -4.00
C GLY A 25 2.11 -9.14 -3.47
N CYS A 26 2.43 -8.47 -2.36
CA CYS A 26 3.79 -8.48 -1.84
C CYS A 26 4.09 -9.74 -1.06
N GLY A 27 3.11 -10.41 -0.49
CA GLY A 27 3.34 -11.65 0.23
C GLY A 27 2.87 -11.57 1.67
N ASP A 28 3.78 -11.83 2.62
CA ASP A 28 3.44 -11.75 4.06
C ASP A 28 3.82 -10.38 4.61
N GLN A 29 4.14 -9.45 3.73
CA GLN A 29 4.50 -8.10 4.17
C GLN A 29 3.32 -7.17 3.99
N VAL A 30 2.16 -7.74 3.69
CA VAL A 30 0.97 -6.94 3.45
C VAL A 30 0.83 -5.85 4.48
N ALA A 31 0.91 -6.20 5.77
CA ALA A 31 0.74 -5.22 6.82
C ALA A 31 1.86 -4.20 6.85
N ALA A 32 3.10 -4.67 6.63
CA ALA A 32 4.25 -3.78 6.61
C ALA A 32 4.15 -2.81 5.44
N CYS A 33 3.73 -3.37 4.33
CA CYS A 33 3.58 -2.60 3.11
C CYS A 33 2.47 -1.58 3.25
N GLU A 34 1.43 -1.95 4.01
CA GLU A 34 0.28 -1.10 4.24
C GLU A 34 0.56 -0.08 5.33
N ALA A 35 1.59 -0.31 6.15
CA ALA A 35 1.91 0.54 7.28
C ALA A 35 1.90 2.01 6.97
N GLU A 36 2.71 2.38 5.99
CA GLU A 36 2.84 3.79 5.65
C GLU A 36 2.08 4.16 4.39
N CYS A 37 0.87 3.60 4.24
CA CYS A 37 0.09 3.86 3.04
C CYS A 37 0.91 3.53 1.81
N PHE A 38 1.63 2.42 1.86
CA PHE A 38 2.42 1.98 0.73
C PHE A 38 3.63 2.87 0.53
N ARG A 39 3.89 3.76 1.51
CA ARG A 39 5.04 4.64 1.47
C ARG A 39 6.16 4.04 2.33
N ASN A 40 6.81 3.03 1.78
CA ASN A 40 7.90 2.37 2.49
C ASN A 40 8.79 1.63 1.51
N ASP A 41 9.95 1.20 2.02
CA ASP A 41 10.91 0.52 1.17
C ASP A 41 10.34 -0.83 0.74
N VAL A 42 9.49 -1.46 1.54
CA VAL A 42 8.91 -2.72 1.14
C VAL A 42 8.00 -2.53 -0.08
N TYR A 43 7.21 -1.46 -0.07
CA TYR A 43 6.32 -1.16 -1.17
C TYR A 43 7.10 -1.08 -2.46
N THR A 44 8.16 -0.30 -2.45
CA THR A 44 8.96 -0.16 -3.67
C THR A 44 9.47 -1.50 -4.15
N ALA A 45 10.07 -2.26 -3.23
CA ALA A 45 10.61 -3.60 -3.46
C ALA A 45 9.53 -4.51 -4.03
N CYS A 46 8.34 -4.44 -3.43
CA CYS A 46 7.21 -5.26 -3.90
C CYS A 46 6.74 -4.76 -5.26
N HIS A 47 6.65 -3.44 -5.40
CA HIS A 47 6.19 -2.83 -6.64
C HIS A 47 7.19 -3.09 -7.75
N GLU A 48 8.47 -2.94 -7.45
CA GLU A 48 9.53 -3.16 -8.42
C GLU A 48 9.62 -4.62 -8.80
N ALA A 49 9.21 -5.50 -7.87
CA ALA A 49 9.28 -6.93 -8.10
C ALA A 49 8.15 -7.39 -9.01
N GLN A 50 7.07 -6.60 -9.04
CA GLN A 50 5.92 -6.94 -9.89
C GLN A 50 6.09 -6.29 -11.26
N LYS A 51 5.77 -7.05 -12.30
CA LYS A 51 5.85 -6.55 -13.68
C LYS A 51 4.62 -5.72 -14.01
N SER A 1 -9.04 -2.19 11.11
CA SER A 1 -7.61 -1.93 10.78
C SER A 1 -7.19 -0.60 11.40
N GLU A 2 -5.93 -0.24 11.20
CA GLU A 2 -5.43 1.02 11.75
C GLU A 2 -6.06 2.22 11.04
N PRO A 3 -6.17 3.35 11.70
CA PRO A 3 -6.73 4.60 11.11
C PRO A 3 -6.29 4.95 9.69
N ASP A 4 -6.87 4.15 8.80
CA ASP A 4 -6.71 4.26 7.34
C ASP A 4 -7.73 5.29 6.87
N GLU A 5 -8.83 5.55 7.54
CA GLU A 5 -9.76 6.53 6.99
C GLU A 5 -9.07 7.84 6.56
N ILE A 6 -8.14 8.30 7.40
CA ILE A 6 -7.42 9.53 7.12
C ILE A 6 -6.57 9.38 5.86
N CYS A 7 -5.91 8.23 5.74
CA CYS A 7 -5.05 7.98 4.59
C CYS A 7 -5.87 8.03 3.29
N ARG A 8 -7.06 7.42 3.34
CA ARG A 8 -7.93 7.37 2.17
C ARG A 8 -8.44 8.75 1.80
N ALA A 9 -8.77 9.54 2.81
CA ALA A 9 -9.32 10.86 2.61
C ALA A 9 -8.32 11.79 1.93
N ARG A 10 -7.04 11.38 1.84
CA ARG A 10 -5.99 12.21 1.27
C ARG A 10 -5.61 11.71 -0.13
N MET A 11 -6.05 10.50 -0.47
CA MET A 11 -5.74 9.89 -1.77
C MET A 11 -7.03 9.55 -2.52
N THR A 12 -6.93 9.45 -3.84
CA THR A 12 -8.09 9.06 -4.65
C THR A 12 -8.36 7.56 -4.49
N HIS A 13 -9.57 7.14 -4.86
CA HIS A 13 -9.93 5.72 -4.76
C HIS A 13 -9.10 4.88 -5.72
N LYS A 14 -8.89 5.37 -6.94
CA LYS A 14 -8.12 4.62 -7.92
C LYS A 14 -6.70 4.40 -7.43
N GLU A 15 -6.10 5.43 -6.85
CA GLU A 15 -4.74 5.30 -6.36
C GLU A 15 -4.71 4.36 -5.18
N PHE A 16 -5.64 4.54 -4.27
CA PHE A 16 -5.71 3.71 -3.08
C PHE A 16 -5.90 2.25 -3.44
N ASN A 17 -6.81 1.95 -4.36
CA ASN A 17 -7.05 0.59 -4.80
C ASN A 17 -5.81 0.03 -5.48
N TYR A 18 -5.14 0.83 -6.32
CA TYR A 18 -3.98 0.40 -7.07
C TYR A 18 -2.84 -0.02 -6.16
N LYS A 19 -2.48 0.91 -5.29
CA LYS A 19 -1.39 0.72 -4.36
C LYS A 19 -1.72 -0.42 -3.40
N SER A 20 -2.98 -0.49 -2.99
CA SER A 20 -3.42 -1.52 -2.07
C SER A 20 -3.18 -2.91 -2.65
N ASN A 21 -3.50 -3.03 -3.94
CA ASN A 21 -3.27 -4.26 -4.66
C ASN A 21 -1.79 -4.60 -4.71
N VAL A 22 -0.93 -3.58 -4.82
CA VAL A 22 0.51 -3.79 -4.85
C VAL A 22 0.98 -4.39 -3.54
N CYS A 23 0.51 -3.82 -2.42
CA CYS A 23 0.88 -4.32 -1.11
C CYS A 23 0.27 -5.67 -0.87
N ASN A 24 -0.97 -5.90 -1.26
CA ASN A 24 -1.60 -7.18 -1.06
C ASN A 24 -0.84 -8.25 -1.81
N GLY A 25 -0.21 -7.91 -2.93
CA GLY A 25 0.54 -8.91 -3.66
C GLY A 25 1.94 -9.08 -3.09
N CYS A 26 2.24 -8.45 -1.93
CA CYS A 26 3.61 -8.53 -1.38
C CYS A 26 3.79 -9.63 -0.36
N GLY A 27 3.36 -10.81 -0.79
CA GLY A 27 3.45 -12.02 0.01
C GLY A 27 3.00 -11.86 1.47
N ASP A 28 3.92 -12.08 2.42
CA ASP A 28 3.58 -11.96 3.87
C ASP A 28 3.98 -10.58 4.40
N GLN A 29 4.31 -9.65 3.52
CA GLN A 29 4.69 -8.30 3.94
C GLN A 29 3.52 -7.35 3.78
N VAL A 30 2.35 -7.93 3.54
CA VAL A 30 1.15 -7.15 3.35
C VAL A 30 1.01 -6.05 4.38
N ALA A 31 1.07 -6.38 5.68
CA ALA A 31 0.86 -5.39 6.71
C ALA A 31 1.97 -4.35 6.74
N ALA A 32 3.22 -4.81 6.56
CA ALA A 32 4.35 -3.90 6.55
C ALA A 32 4.25 -2.96 5.37
N CYS A 33 3.79 -3.55 4.27
CA CYS A 33 3.64 -2.81 3.05
C CYS A 33 2.52 -1.78 3.17
N GLU A 34 1.47 -2.14 3.94
CA GLU A 34 0.32 -1.27 4.15
C GLU A 34 0.57 -0.22 5.24
N ALA A 35 1.59 -0.42 6.08
CA ALA A 35 1.90 0.44 7.22
C ALA A 35 1.89 1.92 6.90
N GLU A 36 2.67 2.28 5.92
CA GLU A 36 2.81 3.69 5.57
C GLU A 36 2.03 4.06 4.33
N CYS A 37 0.81 3.53 4.20
CA CYS A 37 -0.01 3.84 3.03
C CYS A 37 0.79 3.50 1.78
N PHE A 38 1.48 2.39 1.83
CA PHE A 38 2.25 1.93 0.70
C PHE A 38 3.46 2.82 0.47
N ARG A 39 3.68 3.79 1.37
CA ARG A 39 4.81 4.71 1.29
C ARG A 39 5.94 4.16 2.17
N ASN A 40 6.63 3.18 1.63
CA ASN A 40 7.73 2.56 2.35
C ASN A 40 8.63 1.82 1.38
N ASP A 41 9.78 1.38 1.88
CA ASP A 41 10.72 0.67 1.04
C ASP A 41 10.17 -0.68 0.66
N VAL A 42 9.38 -1.32 1.51
CA VAL A 42 8.78 -2.59 1.17
C VAL A 42 7.88 -2.42 -0.05
N TYR A 43 7.08 -1.37 -0.05
CA TYR A 43 6.20 -1.08 -1.16
C TYR A 43 7.02 -0.98 -2.44
N THR A 44 8.10 -0.21 -2.39
CA THR A 44 8.91 -0.05 -3.58
C THR A 44 9.42 -1.41 -4.08
N ALA A 45 10.00 -2.18 -3.16
CA ALA A 45 10.55 -3.53 -3.39
C ALA A 45 9.49 -4.46 -3.96
N CYS A 46 8.30 -4.36 -3.40
CA CYS A 46 7.20 -5.17 -3.88
C CYS A 46 6.80 -4.67 -5.28
N HIS A 47 6.79 -3.34 -5.46
CA HIS A 47 6.39 -2.76 -6.75
C HIS A 47 7.39 -3.11 -7.87
N GLU A 48 8.68 -3.00 -7.58
CA GLU A 48 9.72 -3.31 -8.56
C GLU A 48 9.76 -4.79 -8.89
N ALA A 49 9.36 -5.62 -7.91
CA ALA A 49 9.37 -7.06 -8.07
C ALA A 49 8.22 -7.52 -8.92
N GLN A 50 7.15 -6.71 -8.96
CA GLN A 50 5.99 -7.07 -9.78
C GLN A 50 6.15 -6.44 -11.16
N LYS A 51 5.68 -7.17 -12.17
CA LYS A 51 5.74 -6.71 -13.55
C LYS A 51 4.45 -7.08 -14.29
N SER A 1 -11.95 1.79 13.11
CA SER A 1 -11.49 2.87 12.19
C SER A 1 -9.99 3.04 12.31
N GLU A 2 -9.25 2.17 11.66
CA GLU A 2 -7.80 2.24 11.74
C GLU A 2 -7.28 3.41 10.92
N PRO A 3 -6.09 3.90 11.19
CA PRO A 3 -5.47 4.97 10.39
C PRO A 3 -5.63 4.81 8.90
N ASP A 4 -6.36 3.80 8.43
CA ASP A 4 -6.58 3.54 7.02
C ASP A 4 -7.84 4.25 6.56
N GLU A 5 -8.35 5.13 7.38
CA GLU A 5 -9.49 5.97 7.00
C GLU A 5 -8.94 7.35 6.65
N ILE A 6 -8.07 7.90 7.47
CA ILE A 6 -7.51 9.23 7.20
C ILE A 6 -6.66 9.19 5.94
N CYS A 7 -5.94 8.08 5.79
CA CYS A 7 -5.06 7.90 4.64
C CYS A 7 -5.86 7.98 3.33
N ARG A 8 -7.02 7.34 3.36
CA ARG A 8 -7.90 7.29 2.19
C ARG A 8 -8.41 8.67 1.86
N ALA A 9 -8.75 9.43 2.87
CA ALA A 9 -9.31 10.76 2.70
C ALA A 9 -8.31 11.69 2.05
N ARG A 10 -7.04 11.30 1.97
CA ARG A 10 -6.00 12.13 1.41
C ARG A 10 -5.61 11.67 0.02
N MET A 11 -6.04 10.46 -0.35
CA MET A 11 -5.72 9.89 -1.67
C MET A 11 -6.98 9.54 -2.43
N THR A 12 -6.87 9.45 -3.75
CA THR A 12 -8.02 9.07 -4.56
C THR A 12 -8.30 7.57 -4.41
N HIS A 13 -9.52 7.17 -4.79
CA HIS A 13 -9.92 5.77 -4.70
C HIS A 13 -9.12 4.93 -5.70
N LYS A 14 -8.94 5.42 -6.91
CA LYS A 14 -8.21 4.68 -7.93
C LYS A 14 -6.79 4.42 -7.45
N GLU A 15 -6.18 5.42 -6.85
CA GLU A 15 -4.80 5.28 -6.38
C GLU A 15 -4.74 4.33 -5.21
N PHE A 16 -5.67 4.49 -4.28
CA PHE A 16 -5.71 3.64 -3.10
C PHE A 16 -5.89 2.17 -3.47
N ASN A 17 -6.81 1.88 -4.40
CA ASN A 17 -7.04 0.52 -4.84
C ASN A 17 -5.79 -0.03 -5.51
N TYR A 18 -5.14 0.79 -6.36
CA TYR A 18 -3.97 0.36 -7.11
C TYR A 18 -2.85 -0.07 -6.19
N LYS A 19 -2.52 0.83 -5.28
CA LYS A 19 -1.44 0.59 -4.34
C LYS A 19 -1.78 -0.57 -3.43
N SER A 20 -3.04 -0.66 -3.04
CA SER A 20 -3.47 -1.72 -2.15
C SER A 20 -3.21 -3.10 -2.76
N ASN A 21 -3.50 -3.18 -4.07
CA ASN A 21 -3.27 -4.41 -4.83
C ASN A 21 -1.78 -4.72 -4.87
N VAL A 22 -0.95 -3.69 -4.96
CA VAL A 22 0.50 -3.87 -5.00
C VAL A 22 1.01 -4.49 -3.70
N CYS A 23 0.56 -3.93 -2.57
CA CYS A 23 0.96 -4.43 -1.27
C CYS A 23 0.37 -5.81 -1.04
N ASN A 24 -0.85 -6.06 -1.45
CA ASN A 24 -1.47 -7.36 -1.25
C ASN A 24 -0.74 -8.42 -2.05
N GLY A 25 -0.10 -8.04 -3.17
CA GLY A 25 0.63 -9.01 -3.98
C GLY A 25 2.03 -9.19 -3.46
N CYS A 26 2.37 -8.50 -2.36
CA CYS A 26 3.72 -8.52 -1.83
C CYS A 26 4.01 -9.79 -1.07
N GLY A 27 3.03 -10.41 -0.43
CA GLY A 27 3.23 -11.65 0.26
C GLY A 27 2.78 -11.55 1.71
N ASP A 28 3.69 -11.82 2.65
CA ASP A 28 3.35 -11.73 4.09
C ASP A 28 3.75 -10.36 4.63
N GLN A 29 4.08 -9.43 3.75
CA GLN A 29 4.45 -8.08 4.17
C GLN A 29 3.28 -7.14 4.00
N VAL A 30 2.12 -7.71 3.69
CA VAL A 30 0.92 -6.90 3.46
C VAL A 30 0.80 -5.80 4.49
N ALA A 31 0.87 -6.15 5.77
CA ALA A 31 0.71 -5.18 6.82
C ALA A 31 1.84 -4.18 6.84
N ALA A 32 3.07 -4.65 6.63
CA ALA A 32 4.22 -3.79 6.62
C ALA A 32 4.12 -2.81 5.45
N CYS A 33 3.70 -3.38 4.32
CA CYS A 33 3.57 -2.58 3.10
C CYS A 33 2.45 -1.55 3.23
N GLU A 34 1.42 -1.93 4.00
CA GLU A 34 0.28 -1.05 4.23
C GLU A 34 0.57 -0.06 5.31
N ALA A 35 1.60 -0.29 6.11
CA ALA A 35 1.92 0.55 7.25
C ALA A 35 1.91 2.03 6.92
N GLU A 36 2.76 2.42 5.98
CA GLU A 36 2.86 3.82 5.63
C GLU A 36 2.08 4.19 4.38
N CYS A 37 0.86 3.65 4.24
CA CYS A 37 0.08 3.92 3.05
C CYS A 37 0.89 3.57 1.80
N PHE A 38 1.60 2.47 1.84
CA PHE A 38 2.38 2.04 0.71
C PHE A 38 3.59 2.93 0.51
N ARG A 39 3.80 3.85 1.45
CA ARG A 39 4.95 4.75 1.41
C ARG A 39 6.07 4.16 2.27
N ASN A 40 6.73 3.14 1.70
CA ASN A 40 7.84 2.49 2.41
C ASN A 40 8.72 1.75 1.42
N ASP A 41 9.88 1.29 1.92
CA ASP A 41 10.83 0.60 1.06
C ASP A 41 10.24 -0.74 0.66
N VAL A 42 9.44 -1.38 1.50
CA VAL A 42 8.84 -2.65 1.16
C VAL A 42 7.93 -2.48 -0.04
N TYR A 43 7.14 -1.41 -0.02
CA TYR A 43 6.23 -1.11 -1.12
C TYR A 43 7.05 -1.04 -2.40
N THR A 44 8.14 -0.28 -2.35
CA THR A 44 8.99 -0.14 -3.52
C THR A 44 9.48 -1.50 -4.01
N ALA A 45 10.03 -2.29 -3.09
CA ALA A 45 10.56 -3.64 -3.34
C ALA A 45 9.46 -4.51 -3.93
N CYS A 46 8.26 -4.42 -3.33
CA CYS A 46 7.13 -5.21 -3.81
C CYS A 46 6.66 -4.71 -5.18
N HIS A 47 6.59 -3.38 -5.30
CA HIS A 47 6.14 -2.76 -6.54
C HIS A 47 7.13 -3.02 -7.66
N GLU A 48 8.42 -2.89 -7.34
CA GLU A 48 9.47 -3.11 -8.31
C GLU A 48 9.56 -4.58 -8.69
N ALA A 49 9.14 -5.45 -7.76
CA ALA A 49 9.19 -6.88 -7.97
C ALA A 49 8.07 -7.33 -8.88
N GLN A 50 6.99 -6.54 -8.93
CA GLN A 50 5.85 -6.86 -9.79
C GLN A 50 6.02 -6.22 -11.16
N LYS A 51 5.77 -7.00 -12.20
CA LYS A 51 5.88 -6.51 -13.57
C LYS A 51 4.96 -5.30 -13.77
N SER A 1 -7.45 11.01 14.14
CA SER A 1 -6.45 9.99 14.55
C SER A 1 -6.91 8.62 14.08
N GLU A 2 -7.62 8.59 12.95
CA GLU A 2 -8.13 7.33 12.42
C GLU A 2 -6.99 6.53 11.76
N PRO A 3 -7.20 5.25 11.52
CA PRO A 3 -6.18 4.37 10.91
C PRO A 3 -6.11 4.52 9.39
N ASP A 4 -6.85 3.67 8.69
CA ASP A 4 -6.89 3.69 7.22
C ASP A 4 -8.08 4.53 6.77
N GLU A 5 -8.50 5.49 7.58
CA GLU A 5 -9.56 6.40 7.18
C GLU A 5 -8.93 7.74 6.76
N ILE A 6 -7.93 8.19 7.51
CA ILE A 6 -7.27 9.45 7.21
C ILE A 6 -6.47 9.34 5.92
N CYS A 7 -5.80 8.21 5.77
CA CYS A 7 -4.98 7.97 4.58
C CYS A 7 -5.82 8.03 3.31
N ARG A 8 -6.98 7.39 3.37
CA ARG A 8 -7.87 7.33 2.22
C ARG A 8 -8.39 8.70 1.87
N ALA A 9 -8.72 9.47 2.90
CA ALA A 9 -9.26 10.80 2.70
C ALA A 9 -8.28 11.72 2.03
N ARG A 10 -7.01 11.32 1.95
CA ARG A 10 -5.97 12.14 1.34
C ARG A 10 -5.61 11.66 -0.05
N MET A 11 -6.07 10.45 -0.41
CA MET A 11 -5.77 9.87 -1.72
C MET A 11 -7.05 9.52 -2.45
N THR A 12 -6.96 9.42 -3.76
CA THR A 12 -8.12 9.04 -4.57
C THR A 12 -8.39 7.54 -4.41
N HIS A 13 -9.59 7.12 -4.80
CA HIS A 13 -9.98 5.72 -4.72
C HIS A 13 -9.17 4.88 -5.69
N LYS A 14 -8.99 5.37 -6.92
CA LYS A 14 -8.24 4.62 -7.92
C LYS A 14 -6.81 4.39 -7.43
N GLU A 15 -6.21 5.41 -6.84
CA GLU A 15 -4.84 5.29 -6.37
C GLU A 15 -4.76 4.33 -5.19
N PHE A 16 -5.69 4.49 -4.27
CA PHE A 16 -5.73 3.64 -3.09
C PHE A 16 -5.91 2.18 -3.47
N ASN A 17 -6.83 1.89 -4.39
CA ASN A 17 -7.06 0.53 -4.84
C ASN A 17 -5.82 -0.02 -5.54
N TYR A 18 -5.17 0.79 -6.37
CA TYR A 18 -4.00 0.36 -7.12
C TYR A 18 -2.88 -0.06 -6.20
N LYS A 19 -2.53 0.84 -5.30
CA LYS A 19 -1.46 0.61 -4.36
C LYS A 19 -1.79 -0.57 -3.45
N SER A 20 -3.04 -0.64 -3.04
CA SER A 20 -3.48 -1.72 -2.17
C SER A 20 -3.21 -3.10 -2.77
N ASN A 21 -3.51 -3.18 -4.07
CA ASN A 21 -3.29 -4.40 -4.84
C ASN A 21 -1.80 -4.72 -4.90
N VAL A 22 -0.96 -3.70 -4.99
CA VAL A 22 0.48 -3.88 -5.04
C VAL A 22 0.99 -4.49 -3.73
N CYS A 23 0.55 -3.94 -2.62
CA CYS A 23 0.95 -4.44 -1.30
C CYS A 23 0.38 -5.83 -1.09
N ASN A 24 -0.86 -6.08 -1.48
CA ASN A 24 -1.45 -7.39 -1.28
C ASN A 24 -0.70 -8.44 -2.07
N GLY A 25 -0.07 -8.05 -3.18
CA GLY A 25 0.66 -9.00 -3.99
C GLY A 25 2.09 -9.17 -3.47
N CYS A 26 2.41 -8.48 -2.37
CA CYS A 26 3.75 -8.49 -1.84
C CYS A 26 4.06 -9.76 -1.11
N GLY A 27 3.08 -10.39 -0.46
CA GLY A 27 3.28 -11.64 0.20
C GLY A 27 2.83 -11.57 1.66
N ASP A 28 3.75 -11.82 2.60
CA ASP A 28 3.41 -11.76 4.03
C ASP A 28 3.81 -10.39 4.59
N GLN A 29 4.13 -9.46 3.72
CA GLN A 29 4.50 -8.10 4.16
C GLN A 29 3.32 -7.17 3.97
N VAL A 30 2.16 -7.73 3.67
CA VAL A 30 0.95 -6.93 3.44
C VAL A 30 0.83 -5.83 4.47
N ALA A 31 0.90 -6.19 5.75
CA ALA A 31 0.75 -5.21 6.81
C ALA A 31 1.87 -4.21 6.83
N ALA A 32 3.10 -4.67 6.59
CA ALA A 32 4.26 -3.81 6.59
C ALA A 32 4.14 -2.83 5.41
N CYS A 33 3.71 -3.40 4.28
CA CYS A 33 3.54 -2.61 3.06
C CYS A 33 2.45 -1.58 3.21
N GLU A 34 1.42 -1.96 3.98
CA GLU A 34 0.29 -1.08 4.22
C GLU A 34 0.59 -0.10 5.30
N ALA A 35 1.63 -0.32 6.11
CA ALA A 35 1.95 0.52 7.23
C ALA A 35 1.94 1.99 6.91
N GLU A 36 2.81 2.40 6.00
CA GLU A 36 2.89 3.80 5.66
C GLU A 36 2.12 4.17 4.39
N CYS A 37 0.92 3.61 4.24
CA CYS A 37 0.13 3.86 3.05
C CYS A 37 0.94 3.52 1.81
N PHE A 38 1.67 2.43 1.85
CA PHE A 38 2.44 2.00 0.72
C PHE A 38 3.64 2.89 0.51
N ARG A 39 3.89 3.79 1.47
CA ARG A 39 5.02 4.69 1.42
C ARG A 39 6.16 4.11 2.26
N ASN A 40 6.83 3.11 1.70
CA ASN A 40 7.94 2.46 2.40
C ASN A 40 8.82 1.71 1.42
N ASP A 41 9.99 1.24 1.90
CA ASP A 41 10.92 0.55 1.03
C ASP A 41 10.33 -0.79 0.63
N VAL A 42 9.53 -1.43 1.47
CA VAL A 42 8.92 -2.69 1.13
C VAL A 42 8.01 -2.51 -0.07
N TYR A 43 7.22 -1.42 -0.06
CA TYR A 43 6.33 -1.13 -1.16
C TYR A 43 7.13 -1.05 -2.44
N THR A 44 8.22 -0.29 -2.40
CA THR A 44 9.06 -0.16 -3.57
C THR A 44 9.55 -1.51 -4.05
N ALA A 45 10.09 -2.31 -3.13
CA ALA A 45 10.60 -3.66 -3.38
C ALA A 45 9.51 -4.53 -3.96
N CYS A 46 8.31 -4.46 -3.35
CA CYS A 46 7.19 -5.24 -3.84
C CYS A 46 6.72 -4.74 -5.21
N HIS A 47 6.64 -3.42 -5.33
CA HIS A 47 6.17 -2.81 -6.57
C HIS A 47 7.17 -3.06 -7.69
N GLU A 48 8.46 -2.92 -7.37
CA GLU A 48 9.51 -3.13 -8.35
C GLU A 48 9.60 -4.59 -8.73
N ALA A 49 9.19 -5.46 -7.82
CA ALA A 49 9.27 -6.90 -8.04
C ALA A 49 8.15 -7.36 -8.93
N GLN A 50 7.07 -6.58 -8.98
CA GLN A 50 5.92 -6.92 -9.83
C GLN A 50 6.07 -6.27 -11.20
N LYS A 51 5.85 -7.06 -12.25
CA LYS A 51 5.92 -6.55 -13.61
C LYS A 51 4.67 -5.75 -13.94
N SER A 1 -6.66 -3.05 10.60
CA SER A 1 -7.72 -2.03 10.34
C SER A 1 -7.32 -0.71 10.98
N GLU A 2 -6.02 -0.43 10.94
CA GLU A 2 -5.51 0.81 11.53
C GLU A 2 -6.18 2.02 10.87
N PRO A 3 -6.28 3.12 11.59
CA PRO A 3 -6.86 4.39 11.05
C PRO A 3 -6.40 4.78 9.62
N ASP A 4 -6.98 4.02 8.71
CA ASP A 4 -6.77 4.19 7.26
C ASP A 4 -7.72 5.28 6.78
N GLU A 5 -8.82 5.55 7.42
CA GLU A 5 -9.70 6.58 6.90
C GLU A 5 -8.99 7.88 6.52
N ILE A 6 -8.05 8.29 7.37
CA ILE A 6 -7.29 9.51 7.15
C ILE A 6 -6.44 9.38 5.89
N CYS A 7 -5.80 8.22 5.75
CA CYS A 7 -4.94 7.99 4.61
C CYS A 7 -5.73 8.07 3.31
N ARG A 8 -6.90 7.42 3.31
CA ARG A 8 -7.76 7.36 2.14
C ARG A 8 -8.28 8.73 1.79
N ALA A 9 -8.64 9.49 2.81
CA ALA A 9 -9.20 10.81 2.62
C ALA A 9 -8.21 11.74 1.95
N ARG A 10 -6.94 11.31 1.86
CA ARG A 10 -5.90 12.14 1.27
C ARG A 10 -5.56 11.66 -0.14
N MET A 11 -6.03 10.45 -0.50
CA MET A 11 -5.77 9.88 -1.83
C MET A 11 -7.06 9.54 -2.55
N THR A 12 -6.99 9.46 -3.86
CA THR A 12 -8.17 9.07 -4.62
C THR A 12 -8.44 7.57 -4.45
N HIS A 13 -9.65 7.13 -4.80
CA HIS A 13 -10.01 5.71 -4.69
C HIS A 13 -9.19 4.89 -5.67
N LYS A 14 -9.00 5.39 -6.88
CA LYS A 14 -8.24 4.65 -7.88
C LYS A 14 -6.82 4.40 -7.38
N GLU A 15 -6.22 5.40 -6.77
CA GLU A 15 -4.86 5.28 -6.29
C GLU A 15 -4.79 4.31 -5.13
N PHE A 16 -5.72 4.48 -4.20
CA PHE A 16 -5.78 3.61 -3.03
C PHE A 16 -5.96 2.15 -3.42
N ASN A 17 -6.87 1.87 -4.36
CA ASN A 17 -7.08 0.52 -4.83
C ASN A 17 -5.82 -0.03 -5.51
N TYR A 18 -5.16 0.81 -6.32
CA TYR A 18 -3.97 0.38 -7.07
C TYR A 18 -2.86 -0.07 -6.14
N LYS A 19 -2.52 0.82 -5.22
CA LYS A 19 -1.46 0.58 -4.27
C LYS A 19 -1.79 -0.60 -3.37
N SER A 20 -3.06 -0.68 -2.98
CA SER A 20 -3.49 -1.74 -2.11
C SER A 20 -3.23 -3.12 -2.71
N ASN A 21 -3.52 -3.19 -4.02
CA ASN A 21 -3.30 -4.41 -4.80
C ASN A 21 -1.82 -4.74 -4.85
N VAL A 22 -0.96 -3.71 -4.94
CA VAL A 22 0.48 -3.89 -4.99
C VAL A 22 0.99 -4.51 -3.70
N CYS A 23 0.55 -3.95 -2.58
CA CYS A 23 0.95 -4.46 -1.27
C CYS A 23 0.37 -5.86 -1.08
N ASN A 24 -0.84 -6.12 -1.54
CA ASN A 24 -1.44 -7.43 -1.39
C ASN A 24 -0.66 -8.46 -2.19
N GLY A 25 -0.02 -8.07 -3.29
CA GLY A 25 0.73 -9.03 -4.08
C GLY A 25 2.13 -9.19 -3.53
N CYS A 26 2.43 -8.51 -2.41
CA CYS A 26 3.77 -8.54 -1.86
C CYS A 26 4.06 -9.78 -1.07
N GLY A 27 3.07 -10.44 -0.47
CA GLY A 27 3.28 -11.68 0.23
C GLY A 27 2.83 -11.58 1.69
N ASP A 28 3.74 -11.84 2.64
CA ASP A 28 3.41 -11.76 4.07
C ASP A 28 3.81 -10.38 4.61
N GLN A 29 4.13 -9.46 3.73
CA GLN A 29 4.51 -8.10 4.16
C GLN A 29 3.33 -7.16 3.99
N VAL A 30 2.17 -7.73 3.69
CA VAL A 30 0.98 -6.93 3.49
C VAL A 30 0.86 -5.83 4.53
N ALA A 31 0.94 -6.19 5.82
CA ALA A 31 0.80 -5.21 6.85
C ALA A 31 1.92 -4.20 6.86
N ALA A 32 3.16 -4.67 6.63
CA ALA A 32 4.31 -3.81 6.61
C ALA A 32 4.20 -2.83 5.44
N CYS A 33 3.76 -3.40 4.33
CA CYS A 33 3.60 -2.64 3.10
C CYS A 33 2.50 -1.60 3.24
N GLU A 34 1.47 -1.97 3.99
CA GLU A 34 0.32 -1.11 4.22
C GLU A 34 0.61 -0.11 5.32
N ALA A 35 1.64 -0.33 6.13
CA ALA A 35 1.96 0.51 7.28
C ALA A 35 1.96 1.98 6.96
N GLU A 36 2.78 2.35 5.99
CA GLU A 36 2.91 3.75 5.64
C GLU A 36 2.12 4.12 4.40
N CYS A 37 0.92 3.58 4.25
CA CYS A 37 0.13 3.86 3.06
C CYS A 37 0.94 3.52 1.81
N PHE A 38 1.65 2.41 1.85
CA PHE A 38 2.42 1.98 0.71
C PHE A 38 3.63 2.87 0.50
N ARG A 39 3.84 3.81 1.43
CA ARG A 39 4.98 4.71 1.38
C ARG A 39 6.09 4.12 2.24
N ASN A 40 6.76 3.13 1.67
CA ASN A 40 7.86 2.47 2.39
C ASN A 40 8.74 1.73 1.41
N ASP A 41 9.90 1.27 1.91
CA ASP A 41 10.84 0.58 1.05
C ASP A 41 10.28 -0.76 0.64
N VAL A 42 9.47 -1.41 1.48
CA VAL A 42 8.88 -2.67 1.13
C VAL A 42 7.96 -2.50 -0.07
N TYR A 43 7.18 -1.43 -0.06
CA TYR A 43 6.28 -1.12 -1.15
C TYR A 43 7.11 -1.04 -2.42
N THR A 44 8.19 -0.30 -2.37
CA THR A 44 9.03 -0.15 -3.54
C THR A 44 9.53 -1.51 -4.04
N ALA A 45 10.09 -2.32 -3.14
CA ALA A 45 10.59 -3.67 -3.40
C ALA A 45 9.50 -4.54 -3.99
N CYS A 46 8.31 -4.46 -3.38
CA CYS A 46 7.17 -5.24 -3.86
C CYS A 46 6.70 -4.74 -5.22
N HIS A 47 6.63 -3.40 -5.34
CA HIS A 47 6.17 -2.79 -6.58
C HIS A 47 7.17 -3.03 -7.69
N GLU A 48 8.46 -2.89 -7.38
CA GLU A 48 9.51 -3.09 -8.35
C GLU A 48 9.60 -4.57 -8.74
N ALA A 49 9.18 -5.43 -7.82
CA ALA A 49 9.26 -6.86 -8.05
C ALA A 49 8.14 -7.31 -8.98
N GLN A 50 7.06 -6.53 -9.03
CA GLN A 50 5.92 -6.86 -9.89
C GLN A 50 6.09 -6.19 -11.25
N LYS A 51 5.82 -6.97 -12.31
CA LYS A 51 5.92 -6.46 -13.67
C LYS A 51 4.93 -5.32 -13.87
N SER A 1 -5.92 9.77 15.80
CA SER A 1 -6.20 9.85 14.34
C SER A 1 -6.61 8.49 13.82
N GLU A 2 -7.66 8.47 13.01
CA GLU A 2 -8.16 7.21 12.48
C GLU A 2 -7.01 6.41 11.83
N PRO A 3 -7.22 5.13 11.58
CA PRO A 3 -6.19 4.26 10.96
C PRO A 3 -6.10 4.41 9.44
N ASP A 4 -6.84 3.57 8.73
CA ASP A 4 -6.89 3.59 7.27
C ASP A 4 -8.07 4.44 6.81
N GLU A 5 -8.48 5.38 7.62
CA GLU A 5 -9.54 6.32 7.21
C GLU A 5 -8.91 7.66 6.80
N ILE A 6 -7.92 8.11 7.56
CA ILE A 6 -7.25 9.38 7.27
C ILE A 6 -6.45 9.28 5.98
N CYS A 7 -5.82 8.15 5.81
CA CYS A 7 -5.00 7.91 4.62
C CYS A 7 -5.82 7.98 3.35
N ARG A 8 -6.98 7.34 3.40
CA ARG A 8 -7.88 7.27 2.25
C ARG A 8 -8.40 8.64 1.90
N ALA A 9 -8.71 9.42 2.92
CA ALA A 9 -9.26 10.75 2.71
C ALA A 9 -8.27 11.68 2.06
N ARG A 10 -7.00 11.27 1.97
CA ARG A 10 -5.96 12.10 1.38
C ARG A 10 -5.60 11.62 -0.01
N MET A 11 -6.05 10.42 -0.38
CA MET A 11 -5.74 9.83 -1.69
C MET A 11 -7.02 9.49 -2.43
N THR A 12 -6.93 9.40 -3.74
CA THR A 12 -8.08 9.02 -4.54
C THR A 12 -8.36 7.52 -4.40
N HIS A 13 -9.56 7.10 -4.80
CA HIS A 13 -9.94 5.69 -4.73
C HIS A 13 -9.12 4.87 -5.71
N LYS A 14 -8.95 5.36 -6.94
CA LYS A 14 -8.18 4.64 -7.94
C LYS A 14 -6.77 4.41 -7.45
N GLU A 15 -6.17 5.43 -6.86
CA GLU A 15 -4.80 5.32 -6.41
C GLU A 15 -4.72 4.36 -5.22
N PHE A 16 -5.66 4.51 -4.30
CA PHE A 16 -5.70 3.67 -3.12
C PHE A 16 -5.88 2.21 -3.49
N ASN A 17 -6.81 1.92 -4.41
CA ASN A 17 -7.02 0.56 -4.87
C ASN A 17 -5.77 0.01 -5.56
N TYR A 18 -5.12 0.82 -6.40
CA TYR A 18 -3.95 0.38 -7.14
C TYR A 18 -2.83 -0.07 -6.22
N LYS A 19 -2.50 0.83 -5.33
CA LYS A 19 -1.42 0.59 -4.39
C LYS A 19 -1.76 -0.57 -3.47
N SER A 20 -3.02 -0.64 -3.08
CA SER A 20 -3.46 -1.70 -2.19
C SER A 20 -3.20 -3.09 -2.78
N ASN A 21 -3.48 -3.17 -4.08
CA ASN A 21 -3.25 -4.39 -4.84
C ASN A 21 -1.76 -4.71 -4.89
N VAL A 22 -0.93 -3.67 -4.97
CA VAL A 22 0.52 -3.85 -5.02
C VAL A 22 1.03 -4.46 -3.72
N CYS A 23 0.57 -3.91 -2.60
CA CYS A 23 0.96 -4.40 -1.29
C CYS A 23 0.37 -5.78 -1.06
N ASN A 24 -0.85 -6.03 -1.48
CA ASN A 24 -1.46 -7.33 -1.28
C ASN A 24 -0.71 -8.39 -2.07
N GLY A 25 -0.08 -8.01 -3.19
CA GLY A 25 0.65 -8.98 -3.98
C GLY A 25 2.06 -9.14 -3.46
N CYS A 26 2.39 -8.46 -2.36
CA CYS A 26 3.74 -8.49 -1.83
C CYS A 26 4.03 -9.74 -1.07
N GLY A 27 3.05 -10.39 -0.43
CA GLY A 27 3.26 -11.63 0.24
C GLY A 27 2.80 -11.54 1.70
N ASP A 28 3.72 -11.80 2.64
CA ASP A 28 3.38 -11.73 4.07
C ASP A 28 3.77 -10.36 4.62
N GLN A 29 4.09 -9.43 3.74
CA GLN A 29 4.47 -8.07 4.17
C GLN A 29 3.30 -7.14 3.99
N VAL A 30 2.14 -7.70 3.68
CA VAL A 30 0.95 -6.89 3.45
C VAL A 30 0.81 -5.79 4.47
N ALA A 31 0.88 -6.14 5.76
CA ALA A 31 0.74 -5.16 6.80
C ALA A 31 1.87 -4.16 6.81
N ALA A 32 3.11 -4.63 6.59
CA ALA A 32 4.25 -3.76 6.58
C ALA A 32 4.15 -2.79 5.42
N CYS A 33 3.72 -3.36 4.29
CA CYS A 33 3.58 -2.58 3.06
C CYS A 33 2.48 -1.53 3.20
N GLU A 34 1.44 -1.90 3.96
CA GLU A 34 0.30 -1.03 4.18
C GLU A 34 0.59 -0.04 5.27
N ALA A 35 1.63 -0.26 6.08
CA ALA A 35 1.96 0.59 7.21
C ALA A 35 1.95 2.06 6.88
N GLU A 36 2.79 2.44 5.94
CA GLU A 36 2.89 3.84 5.58
C GLU A 36 2.12 4.21 4.32
N CYS A 37 0.91 3.65 4.19
CA CYS A 37 0.12 3.92 2.99
C CYS A 37 0.94 3.58 1.76
N PHE A 38 1.65 2.48 1.81
CA PHE A 38 2.43 2.05 0.67
C PHE A 38 3.63 2.93 0.47
N ARG A 39 3.88 3.83 1.43
CA ARG A 39 5.02 4.73 1.38
C ARG A 39 6.14 4.14 2.23
N ASN A 40 6.78 3.12 1.67
CA ASN A 40 7.88 2.45 2.38
C ASN A 40 8.77 1.70 1.40
N ASP A 41 9.93 1.24 1.88
CA ASP A 41 10.86 0.54 1.03
C ASP A 41 10.28 -0.79 0.63
N VAL A 42 9.48 -1.43 1.47
CA VAL A 42 8.87 -2.70 1.13
C VAL A 42 7.96 -2.51 -0.07
N TYR A 43 7.17 -1.43 -0.06
CA TYR A 43 6.28 -1.15 -1.16
C TYR A 43 7.10 -1.07 -2.42
N THR A 44 8.18 -0.32 -2.38
CA THR A 44 9.02 -0.18 -3.55
C THR A 44 9.51 -1.53 -4.06
N ALA A 45 10.07 -2.33 -3.13
CA ALA A 45 10.59 -3.68 -3.40
C ALA A 45 9.50 -4.55 -3.97
N CYS A 46 8.31 -4.47 -3.36
CA CYS A 46 7.18 -5.26 -3.84
C CYS A 46 6.71 -4.76 -5.21
N HIS A 47 6.64 -3.44 -5.33
CA HIS A 47 6.18 -2.82 -6.57
C HIS A 47 7.17 -3.08 -7.69
N GLU A 48 8.45 -2.96 -7.38
CA GLU A 48 9.50 -3.17 -8.35
C GLU A 48 9.60 -4.64 -8.73
N ALA A 49 9.18 -5.50 -7.81
CA ALA A 49 9.24 -6.94 -8.02
C ALA A 49 8.11 -7.40 -8.93
N GLN A 50 7.04 -6.61 -8.98
CA GLN A 50 5.89 -6.95 -9.83
C GLN A 50 6.06 -6.29 -11.20
N LYS A 51 5.77 -7.07 -12.24
CA LYS A 51 5.86 -6.57 -13.62
C LYS A 51 4.68 -5.65 -13.91
N SER A 1 -8.71 -2.64 11.15
CA SER A 1 -7.37 -2.23 10.65
C SER A 1 -6.99 -0.91 11.31
N GLU A 2 -5.78 -0.44 11.01
CA GLU A 2 -5.31 0.80 11.59
C GLU A 2 -6.00 1.99 10.91
N PRO A 3 -6.10 3.10 11.60
CA PRO A 3 -6.69 4.35 11.05
C PRO A 3 -6.29 4.71 9.59
N ASP A 4 -6.88 3.92 8.71
CA ASP A 4 -6.69 4.05 7.27
C ASP A 4 -7.67 5.10 6.78
N GLU A 5 -8.77 5.35 7.44
CA GLU A 5 -9.70 6.34 6.92
C GLU A 5 -9.03 7.67 6.55
N ILE A 6 -8.13 8.12 7.41
CA ILE A 6 -7.42 9.37 7.19
C ILE A 6 -6.56 9.27 5.95
N CYS A 7 -5.88 8.14 5.80
CA CYS A 7 -5.00 7.94 4.66
C CYS A 7 -5.78 8.02 3.36
N ARG A 8 -6.95 7.36 3.37
CA ARG A 8 -7.81 7.32 2.19
C ARG A 8 -8.32 8.69 1.84
N ALA A 9 -8.65 9.47 2.86
CA ALA A 9 -9.20 10.79 2.67
C ALA A 9 -8.22 11.72 1.99
N ARG A 10 -6.94 11.31 1.90
CA ARG A 10 -5.90 12.14 1.30
C ARG A 10 -5.56 11.65 -0.10
N MET A 11 -6.02 10.45 -0.46
CA MET A 11 -5.73 9.86 -1.78
C MET A 11 -7.02 9.52 -2.51
N THR A 12 -6.94 9.42 -3.82
CA THR A 12 -8.11 9.02 -4.60
C THR A 12 -8.37 7.52 -4.43
N HIS A 13 -9.58 7.09 -4.79
CA HIS A 13 -9.95 5.69 -4.70
C HIS A 13 -9.15 4.85 -5.68
N LYS A 14 -8.97 5.33 -6.90
CA LYS A 14 -8.22 4.59 -7.91
C LYS A 14 -6.80 4.35 -7.43
N GLU A 15 -6.21 5.37 -6.83
CA GLU A 15 -4.84 5.25 -6.33
C GLU A 15 -4.77 4.29 -5.17
N PHE A 16 -5.69 4.46 -4.25
CA PHE A 16 -5.74 3.61 -3.07
C PHE A 16 -5.93 2.16 -3.45
N ASN A 17 -6.85 1.87 -4.38
CA ASN A 17 -7.08 0.52 -4.84
C ASN A 17 -5.84 -0.03 -5.54
N TYR A 18 -5.19 0.80 -6.39
CA TYR A 18 -4.03 0.37 -7.15
C TYR A 18 -2.88 -0.04 -6.25
N LYS A 19 -2.52 0.88 -5.37
CA LYS A 19 -1.43 0.68 -4.45
C LYS A 19 -1.74 -0.47 -3.50
N SER A 20 -3.00 -0.54 -3.08
CA SER A 20 -3.42 -1.59 -2.17
C SER A 20 -3.19 -2.98 -2.76
N ASN A 21 -3.51 -3.09 -4.04
CA ASN A 21 -3.30 -4.32 -4.80
C ASN A 21 -1.83 -4.66 -4.87
N VAL A 22 -0.98 -3.63 -4.97
CA VAL A 22 0.47 -3.83 -5.03
C VAL A 22 0.97 -4.45 -3.74
N CYS A 23 0.54 -3.88 -2.61
CA CYS A 23 0.93 -4.39 -1.30
C CYS A 23 0.36 -5.78 -1.09
N ASN A 24 -0.87 -6.03 -1.48
CA ASN A 24 -1.46 -7.33 -1.28
C ASN A 24 -0.71 -8.39 -2.07
N GLY A 25 -0.09 -8.00 -3.20
CA GLY A 25 0.66 -8.95 -4.00
C GLY A 25 2.06 -9.13 -3.48
N CYS A 26 2.39 -8.45 -2.36
CA CYS A 26 3.74 -8.47 -1.84
C CYS A 26 4.04 -9.73 -1.08
N GLY A 27 3.06 -10.38 -0.47
CA GLY A 27 3.29 -11.64 0.21
C GLY A 27 2.84 -11.55 1.67
N ASP A 28 3.76 -11.81 2.61
CA ASP A 28 3.43 -11.74 4.04
C ASP A 28 3.83 -10.37 4.59
N GLN A 29 4.14 -9.43 3.71
CA GLN A 29 4.50 -8.08 4.13
C GLN A 29 3.32 -7.14 3.95
N VAL A 30 2.15 -7.72 3.68
CA VAL A 30 0.96 -6.92 3.46
C VAL A 30 0.83 -5.83 4.50
N ALA A 31 0.91 -6.18 5.78
CA ALA A 31 0.75 -5.21 6.83
C ALA A 31 1.87 -4.19 6.84
N ALA A 32 3.11 -4.66 6.62
CA ALA A 32 4.25 -3.76 6.61
C ALA A 32 4.12 -2.79 5.43
N CYS A 33 3.68 -3.35 4.32
CA CYS A 33 3.51 -2.58 3.11
C CYS A 33 2.41 -1.54 3.26
N GLU A 34 1.38 -1.93 4.04
CA GLU A 34 0.24 -1.07 4.29
C GLU A 34 0.55 -0.05 5.37
N ALA A 35 1.61 -0.28 6.15
CA ALA A 35 1.96 0.56 7.28
C ALA A 35 1.95 2.03 6.97
N GLU A 36 2.78 2.41 6.01
CA GLU A 36 2.89 3.82 5.66
C GLU A 36 2.11 4.17 4.41
N CYS A 37 0.90 3.62 4.27
CA CYS A 37 0.10 3.88 3.08
C CYS A 37 0.91 3.55 1.83
N PHE A 38 1.64 2.45 1.88
CA PHE A 38 2.41 2.01 0.74
C PHE A 38 3.61 2.90 0.53
N ARG A 39 3.86 3.80 1.47
CA ARG A 39 5.00 4.71 1.40
C ARG A 39 6.13 4.13 2.25
N ASN A 40 6.80 3.13 1.69
CA ASN A 40 7.91 2.48 2.38
C ASN A 40 8.80 1.74 1.40
N ASP A 41 9.96 1.28 1.88
CA ASP A 41 10.88 0.58 1.02
C ASP A 41 10.28 -0.75 0.61
N VAL A 42 9.50 -1.41 1.46
CA VAL A 42 8.89 -2.66 1.11
C VAL A 42 7.97 -2.48 -0.09
N TYR A 43 7.17 -1.41 -0.08
CA TYR A 43 6.27 -1.11 -1.16
C TYR A 43 7.07 -1.03 -2.44
N THR A 44 8.15 -0.26 -2.42
CA THR A 44 8.97 -0.12 -3.60
C THR A 44 9.46 -1.47 -4.12
N ALA A 45 10.05 -2.26 -3.21
CA ALA A 45 10.58 -3.60 -3.48
C ALA A 45 9.49 -4.51 -4.02
N CYS A 46 8.31 -4.45 -3.38
CA CYS A 46 7.18 -5.26 -3.83
C CYS A 46 6.71 -4.77 -5.18
N HIS A 47 6.63 -3.45 -5.33
CA HIS A 47 6.20 -2.87 -6.57
C HIS A 47 7.21 -3.14 -7.68
N GLU A 48 8.50 -3.00 -7.36
CA GLU A 48 9.55 -3.24 -8.33
C GLU A 48 9.61 -4.71 -8.71
N ALA A 49 9.22 -5.57 -7.78
CA ALA A 49 9.28 -7.01 -8.00
C ALA A 49 8.15 -7.45 -8.90
N GLN A 50 7.07 -6.66 -8.94
CA GLN A 50 5.93 -7.00 -9.79
C GLN A 50 6.09 -6.33 -11.16
N LYS A 51 5.84 -7.11 -12.21
CA LYS A 51 5.93 -6.60 -13.57
C LYS A 51 4.73 -5.72 -13.88
N SER A 1 -8.91 -1.94 10.10
CA SER A 1 -7.55 -2.09 10.68
C SER A 1 -7.13 -0.78 11.31
N GLU A 2 -5.86 -0.41 11.10
CA GLU A 2 -5.36 0.82 11.67
C GLU A 2 -6.02 2.03 11.00
N PRO A 3 -6.14 3.13 11.69
CA PRO A 3 -6.71 4.39 11.13
C PRO A 3 -6.29 4.75 9.69
N ASP A 4 -6.91 3.99 8.81
CA ASP A 4 -6.73 4.13 7.35
C ASP A 4 -7.69 5.22 6.90
N GLU A 5 -8.78 5.49 7.55
CA GLU A 5 -9.67 6.51 7.03
C GLU A 5 -8.98 7.83 6.64
N ILE A 6 -8.01 8.22 7.47
CA ILE A 6 -7.26 9.45 7.25
C ILE A 6 -6.44 9.33 5.97
N CYS A 7 -5.82 8.16 5.80
CA CYS A 7 -4.98 7.93 4.63
C CYS A 7 -5.81 8.00 3.35
N ARG A 8 -6.98 7.36 3.41
CA ARG A 8 -7.88 7.28 2.26
C ARG A 8 -8.38 8.66 1.89
N ALA A 9 -8.73 9.43 2.90
CA ALA A 9 -9.29 10.74 2.70
C ALA A 9 -8.29 11.67 2.03
N ARG A 10 -7.03 11.27 1.94
CA ARG A 10 -5.99 12.09 1.35
C ARG A 10 -5.63 11.61 -0.05
N MET A 11 -6.07 10.40 -0.40
CA MET A 11 -5.77 9.81 -1.71
C MET A 11 -7.05 9.48 -2.46
N THR A 12 -6.96 9.38 -3.77
CA THR A 12 -8.12 9.01 -4.58
C THR A 12 -8.39 7.51 -4.44
N HIS A 13 -9.60 7.09 -4.81
CA HIS A 13 -9.99 5.69 -4.74
C HIS A 13 -9.18 4.86 -5.73
N LYS A 14 -9.00 5.35 -6.96
CA LYS A 14 -8.24 4.61 -7.96
C LYS A 14 -6.82 4.38 -7.49
N GLU A 15 -6.22 5.41 -6.93
CA GLU A 15 -4.84 5.30 -6.48
C GLU A 15 -4.75 4.33 -5.30
N PHE A 16 -5.67 4.50 -4.36
CA PHE A 16 -5.70 3.64 -3.19
C PHE A 16 -5.89 2.18 -3.55
N ASN A 17 -6.82 1.89 -4.47
CA ASN A 17 -7.03 0.52 -4.92
C ASN A 17 -5.78 -0.02 -5.61
N TYR A 18 -5.13 0.80 -6.44
CA TYR A 18 -3.96 0.37 -7.19
C TYR A 18 -2.82 -0.07 -6.29
N LYS A 19 -2.46 0.84 -5.41
CA LYS A 19 -1.39 0.61 -4.47
C LYS A 19 -1.71 -0.54 -3.54
N SER A 20 -2.97 -0.60 -3.13
CA SER A 20 -3.41 -1.65 -2.22
C SER A 20 -3.16 -3.04 -2.81
N ASN A 21 -3.48 -3.15 -4.10
CA ASN A 21 -3.27 -4.37 -4.86
C ASN A 21 -1.79 -4.71 -4.92
N VAL A 22 -0.94 -3.68 -5.02
CA VAL A 22 0.51 -3.89 -5.07
C VAL A 22 1.01 -4.51 -3.77
N CYS A 23 0.57 -3.95 -2.65
CA CYS A 23 0.97 -4.44 -1.34
C CYS A 23 0.38 -5.83 -1.11
N ASN A 24 -0.86 -6.07 -1.49
CA ASN A 24 -1.47 -7.37 -1.29
C ASN A 24 -0.71 -8.42 -2.09
N GLY A 25 -0.09 -8.04 -3.21
CA GLY A 25 0.65 -9.02 -4.00
C GLY A 25 2.06 -9.18 -3.47
N CYS A 26 2.37 -8.51 -2.36
CA CYS A 26 3.72 -8.53 -1.82
C CYS A 26 4.02 -9.78 -1.04
N GLY A 27 3.04 -10.45 -0.44
CA GLY A 27 3.27 -11.69 0.25
C GLY A 27 2.83 -11.59 1.72
N ASP A 28 3.75 -11.84 2.65
CA ASP A 28 3.43 -11.77 4.09
C ASP A 28 3.83 -10.38 4.62
N GLN A 29 4.14 -9.46 3.73
CA GLN A 29 4.51 -8.11 4.14
C GLN A 29 3.34 -7.17 3.96
N VAL A 30 2.19 -7.74 3.63
CA VAL A 30 1.00 -6.94 3.39
C VAL A 30 0.86 -5.84 4.42
N ALA A 31 0.94 -6.19 5.71
CA ALA A 31 0.77 -5.22 6.75
C ALA A 31 1.87 -4.21 6.78
N ALA A 32 3.10 -4.65 6.59
CA ALA A 32 4.24 -3.77 6.59
C ALA A 32 4.13 -2.80 5.42
N CYS A 33 3.69 -3.37 4.30
CA CYS A 33 3.54 -2.59 3.09
C CYS A 33 2.45 -1.54 3.23
N GLU A 34 1.42 -1.89 4.02
CA GLU A 34 0.30 -1.01 4.26
C GLU A 34 0.61 -0.01 5.34
N ALA A 35 1.66 -0.23 6.14
CA ALA A 35 2.01 0.60 7.27
C ALA A 35 2.01 2.07 6.96
N GLU A 36 2.83 2.45 5.99
CA GLU A 36 2.95 3.86 5.65
C GLU A 36 2.17 4.21 4.40
N CYS A 37 0.96 3.66 4.25
CA CYS A 37 0.15 3.92 3.06
C CYS A 37 0.97 3.59 1.82
N PHE A 38 1.69 2.49 1.87
CA PHE A 38 2.46 2.05 0.74
C PHE A 38 3.68 2.92 0.54
N ARG A 39 3.91 3.87 1.46
CA ARG A 39 5.06 4.76 1.40
C ARG A 39 6.17 4.16 2.25
N ASN A 40 6.82 3.14 1.69
CA ASN A 40 7.91 2.46 2.40
C ASN A 40 8.78 1.71 1.41
N ASP A 41 9.94 1.25 1.89
CA ASP A 41 10.87 0.56 1.03
C ASP A 41 10.27 -0.78 0.64
N VAL A 42 9.47 -1.42 1.50
CA VAL A 42 8.86 -2.68 1.16
C VAL A 42 7.95 -2.50 -0.04
N TYR A 43 7.16 -1.43 -0.02
CA TYR A 43 6.27 -1.13 -1.11
C TYR A 43 7.08 -1.06 -2.38
N THR A 44 8.17 -0.32 -2.34
CA THR A 44 9.00 -0.18 -3.52
C THR A 44 9.49 -1.54 -4.02
N ALA A 45 10.06 -2.35 -3.12
CA ALA A 45 10.57 -3.69 -3.37
C ALA A 45 9.46 -4.56 -3.96
N CYS A 46 8.27 -4.47 -3.33
CA CYS A 46 7.13 -5.25 -3.82
C CYS A 46 6.67 -4.74 -5.17
N HIS A 47 6.60 -3.42 -5.30
CA HIS A 47 6.15 -2.80 -6.54
C HIS A 47 7.14 -3.06 -7.66
N GLU A 48 8.43 -2.93 -7.36
CA GLU A 48 9.47 -3.14 -8.34
C GLU A 48 9.56 -4.62 -8.71
N ALA A 49 9.15 -5.48 -7.79
CA ALA A 49 9.21 -6.92 -8.00
C ALA A 49 8.06 -7.37 -8.90
N GLN A 50 6.99 -6.58 -8.95
CA GLN A 50 5.85 -6.93 -9.80
C GLN A 50 6.01 -6.27 -11.16
N LYS A 51 5.84 -7.07 -12.21
CA LYS A 51 5.93 -6.58 -13.58
C LYS A 51 7.24 -5.83 -13.80
N SER A 1 -12.18 3.08 13.75
CA SER A 1 -11.59 2.91 12.39
C SER A 1 -10.08 3.09 12.49
N GLU A 2 -9.35 2.35 11.66
CA GLU A 2 -7.90 2.44 11.70
C GLU A 2 -7.43 3.61 10.85
N PRO A 3 -6.26 4.15 11.13
CA PRO A 3 -5.66 5.24 10.32
C PRO A 3 -5.82 5.06 8.84
N ASP A 4 -6.53 4.01 8.38
CA ASP A 4 -6.73 3.74 6.99
C ASP A 4 -7.99 4.45 6.50
N GLU A 5 -8.51 5.34 7.30
CA GLU A 5 -9.65 6.19 6.88
C GLU A 5 -9.09 7.57 6.53
N ILE A 6 -8.17 8.08 7.34
CA ILE A 6 -7.58 9.39 7.08
C ILE A 6 -6.68 9.33 5.85
N CYS A 7 -5.95 8.22 5.74
CA CYS A 7 -5.05 8.03 4.61
C CYS A 7 -5.82 8.10 3.28
N ARG A 8 -6.98 7.46 3.27
CA ARG A 8 -7.83 7.41 2.08
C ARG A 8 -8.34 8.78 1.75
N ALA A 9 -8.73 9.53 2.76
CA ALA A 9 -9.29 10.85 2.56
C ALA A 9 -8.31 11.77 1.90
N ARG A 10 -7.04 11.39 1.84
CA ARG A 10 -6.00 12.21 1.26
C ARG A 10 -5.63 11.75 -0.14
N MET A 11 -6.07 10.55 -0.49
CA MET A 11 -5.76 9.98 -1.81
C MET A 11 -7.05 9.64 -2.56
N THR A 12 -6.95 9.52 -3.86
CA THR A 12 -8.09 9.10 -4.67
C THR A 12 -8.37 7.61 -4.48
N HIS A 13 -9.59 7.19 -4.83
CA HIS A 13 -9.97 5.79 -4.71
C HIS A 13 -9.17 4.94 -5.68
N LYS A 14 -8.99 5.41 -6.91
CA LYS A 14 -8.26 4.65 -7.91
C LYS A 14 -6.83 4.41 -7.42
N GLU A 15 -6.23 5.43 -6.84
CA GLU A 15 -4.85 5.29 -6.36
C GLU A 15 -4.78 4.36 -5.16
N PHE A 16 -5.70 4.53 -4.25
CA PHE A 16 -5.75 3.70 -3.05
C PHE A 16 -5.92 2.22 -3.41
N ASN A 17 -6.83 1.93 -4.33
CA ASN A 17 -7.04 0.57 -4.78
C ASN A 17 -5.79 0.02 -5.46
N TYR A 18 -5.14 0.84 -6.29
CA TYR A 18 -3.97 0.42 -7.02
C TYR A 18 -2.84 0.00 -6.09
N LYS A 19 -2.48 0.92 -5.21
CA LYS A 19 -1.41 0.69 -4.26
C LYS A 19 -1.74 -0.46 -3.32
N SER A 20 -3.00 -0.53 -2.93
CA SER A 20 -3.44 -1.59 -2.03
C SER A 20 -3.20 -2.97 -2.61
N ASN A 21 -3.49 -3.08 -3.91
CA ASN A 21 -3.26 -4.32 -4.64
C ASN A 21 -1.77 -4.65 -4.67
N VAL A 22 -0.94 -3.62 -4.77
CA VAL A 22 0.52 -3.83 -4.82
C VAL A 22 1.01 -4.43 -3.50
N CYS A 23 0.56 -3.86 -2.40
CA CYS A 23 0.97 -4.35 -1.07
C CYS A 23 0.37 -5.72 -0.82
N ASN A 24 -0.87 -5.96 -1.18
CA ASN A 24 -1.49 -7.24 -0.96
C ASN A 24 -0.77 -8.32 -1.74
N GLY A 25 -0.13 -7.96 -2.84
CA GLY A 25 0.59 -8.94 -3.64
C GLY A 25 1.99 -9.15 -3.09
N CYS A 26 2.29 -8.52 -1.95
CA CYS A 26 3.62 -8.58 -1.37
C CYS A 26 3.80 -9.71 -0.36
N GLY A 27 3.35 -10.87 -0.78
CA GLY A 27 3.44 -12.05 0.05
C GLY A 27 2.98 -11.86 1.50
N ASP A 28 3.88 -12.11 2.45
CA ASP A 28 3.54 -11.95 3.88
C ASP A 28 3.94 -10.57 4.40
N GLN A 29 4.26 -9.66 3.52
CA GLN A 29 4.64 -8.31 3.95
C GLN A 29 3.46 -7.37 3.77
N VAL A 30 2.29 -7.94 3.53
CA VAL A 30 1.10 -7.14 3.32
C VAL A 30 0.96 -6.02 4.34
N ALA A 31 0.98 -6.40 5.63
CA ALA A 31 0.83 -5.44 6.69
C ALA A 31 1.92 -4.42 6.74
N ALA A 32 3.15 -4.87 6.54
CA ALA A 32 4.30 -4.00 6.57
C ALA A 32 4.21 -3.03 5.39
N CYS A 33 3.79 -3.58 4.26
CA CYS A 33 3.66 -2.78 3.05
C CYS A 33 2.56 -1.75 3.18
N GLU A 34 1.53 -2.11 3.94
CA GLU A 34 0.40 -1.24 4.15
C GLU A 34 0.67 -0.25 5.25
N ALA A 35 1.66 -0.47 6.07
CA ALA A 35 1.95 0.36 7.20
C ALA A 35 1.92 1.82 6.90
N GLU A 36 2.79 2.26 6.02
CA GLU A 36 2.86 3.68 5.67
C GLU A 36 2.06 4.04 4.42
N CYS A 37 0.83 3.54 4.33
CA CYS A 37 0.01 3.81 3.16
C CYS A 37 0.78 3.46 1.89
N PHE A 38 1.47 2.36 1.92
CA PHE A 38 2.22 1.91 0.76
C PHE A 38 3.40 2.82 0.52
N ARG A 39 3.65 3.73 1.45
CA ARG A 39 4.79 4.64 1.37
C ARG A 39 5.92 4.07 2.23
N ASN A 40 6.62 3.08 1.67
CA ASN A 40 7.75 2.45 2.39
C ASN A 40 8.67 1.74 1.41
N ASP A 41 9.83 1.29 1.93
CA ASP A 41 10.79 0.62 1.08
C ASP A 41 10.25 -0.72 0.68
N VAL A 42 9.43 -1.36 1.50
CA VAL A 42 8.83 -2.62 1.14
C VAL A 42 7.92 -2.43 -0.07
N TYR A 43 7.13 -1.34 -0.05
CA TYR A 43 6.23 -1.05 -1.15
C TYR A 43 7.04 -0.97 -2.43
N THR A 44 8.12 -0.20 -2.40
CA THR A 44 8.97 -0.07 -3.56
C THR A 44 9.47 -1.41 -4.03
N ALA A 45 10.03 -2.18 -3.09
CA ALA A 45 10.56 -3.53 -3.34
C ALA A 45 9.47 -4.39 -3.93
N CYS A 46 8.25 -4.31 -3.35
CA CYS A 46 7.13 -5.10 -3.86
C CYS A 46 6.69 -4.60 -5.24
N HIS A 47 6.64 -3.28 -5.37
CA HIS A 47 6.20 -2.67 -6.62
C HIS A 47 7.19 -2.95 -7.73
N GLU A 48 8.47 -2.83 -7.42
CA GLU A 48 9.51 -3.07 -8.39
C GLU A 48 9.57 -4.55 -8.75
N ALA A 49 9.16 -5.40 -7.81
CA ALA A 49 9.22 -6.84 -8.00
C ALA A 49 8.08 -7.30 -8.90
N GLN A 50 7.00 -6.50 -8.94
CA GLN A 50 5.86 -6.83 -9.78
C GLN A 50 6.02 -6.20 -11.17
N LYS A 51 5.72 -6.99 -12.21
CA LYS A 51 5.81 -6.51 -13.57
C LYS A 51 7.14 -5.82 -13.82
N SER A 1 -6.20 -2.83 10.47
CA SER A 1 -7.42 -1.97 10.47
C SER A 1 -7.08 -0.64 11.11
N GLU A 2 -5.81 -0.26 11.04
CA GLU A 2 -5.38 1.00 11.62
C GLU A 2 -6.06 2.18 10.92
N PRO A 3 -6.26 3.27 11.61
CA PRO A 3 -6.87 4.49 11.04
C PRO A 3 -6.42 4.86 9.60
N ASP A 4 -7.03 4.11 8.69
CA ASP A 4 -6.79 4.27 7.23
C ASP A 4 -7.72 5.37 6.77
N GLU A 5 -8.79 5.67 7.42
CA GLU A 5 -9.70 6.69 6.89
C GLU A 5 -9.00 7.98 6.48
N ILE A 6 -8.06 8.40 7.34
CA ILE A 6 -7.31 9.62 7.09
C ILE A 6 -6.47 9.47 5.82
N CYS A 7 -5.84 8.31 5.68
CA CYS A 7 -5.00 8.07 4.52
C CYS A 7 -5.82 8.11 3.24
N ARG A 8 -6.99 7.48 3.29
CA ARG A 8 -7.88 7.40 2.14
C ARG A 8 -8.39 8.77 1.77
N ALA A 9 -8.74 9.55 2.78
CA ALA A 9 -9.31 10.86 2.57
C ALA A 9 -8.31 11.79 1.92
N ARG A 10 -7.04 11.39 1.84
CA ARG A 10 -6.00 12.22 1.27
C ARG A 10 -5.61 11.73 -0.12
N MET A 11 -6.06 10.52 -0.48
CA MET A 11 -5.76 9.94 -1.78
C MET A 11 -7.03 9.58 -2.53
N THR A 12 -6.93 9.47 -3.84
CA THR A 12 -8.07 9.06 -4.65
C THR A 12 -8.35 7.57 -4.47
N HIS A 13 -9.56 7.14 -4.83
CA HIS A 13 -9.94 5.73 -4.73
C HIS A 13 -9.13 4.89 -5.69
N LYS A 14 -8.94 5.36 -6.92
CA LYS A 14 -8.17 4.61 -7.91
C LYS A 14 -6.76 4.39 -7.41
N GLU A 15 -6.17 5.42 -6.84
CA GLU A 15 -4.82 5.30 -6.34
C GLU A 15 -4.76 4.34 -5.16
N PHE A 16 -5.69 4.51 -4.24
CA PHE A 16 -5.74 3.67 -3.06
C PHE A 16 -5.92 2.21 -3.41
N ASN A 17 -6.85 1.92 -4.33
CA ASN A 17 -7.07 0.55 -4.77
C ASN A 17 -5.82 -0.02 -5.45
N TYR A 18 -5.17 0.79 -6.29
CA TYR A 18 -3.99 0.34 -7.02
C TYR A 18 -2.88 -0.09 -6.09
N LYS A 19 -2.53 0.82 -5.20
CA LYS A 19 -1.48 0.59 -4.24
C LYS A 19 -1.80 -0.57 -3.31
N SER A 20 -3.07 -0.64 -2.93
CA SER A 20 -3.52 -1.69 -2.02
C SER A 20 -3.25 -3.08 -2.61
N ASN A 21 -3.54 -3.18 -3.90
CA ASN A 21 -3.30 -4.41 -4.65
C ASN A 21 -1.80 -4.72 -4.67
N VAL A 22 -0.96 -3.69 -4.76
CA VAL A 22 0.48 -3.86 -4.80
C VAL A 22 0.99 -4.45 -3.49
N CYS A 23 0.54 -3.86 -2.38
CA CYS A 23 0.94 -4.34 -1.05
C CYS A 23 0.34 -5.69 -0.77
N ASN A 24 -0.92 -5.91 -1.10
CA ASN A 24 -1.54 -7.19 -0.85
C ASN A 24 -0.84 -8.28 -1.63
N GLY A 25 -0.23 -7.94 -2.77
CA GLY A 25 0.46 -8.95 -3.55
C GLY A 25 1.87 -9.17 -3.04
N CYS A 26 2.21 -8.53 -1.91
CA CYS A 26 3.56 -8.60 -1.38
C CYS A 26 3.75 -9.73 -0.36
N GLY A 27 3.31 -10.89 -0.80
CA GLY A 27 3.41 -12.08 0.01
C GLY A 27 2.98 -11.89 1.47
N ASP A 28 3.89 -12.13 2.42
CA ASP A 28 3.56 -11.95 3.85
C ASP A 28 3.96 -10.56 4.36
N GLN A 29 4.30 -9.65 3.45
CA GLN A 29 4.69 -8.29 3.85
C GLN A 29 3.52 -7.35 3.64
N VAL A 30 2.36 -7.91 3.35
CA VAL A 30 1.18 -7.09 3.12
C VAL A 30 1.04 -6.01 4.16
N ALA A 31 1.05 -6.40 5.44
CA ALA A 31 0.83 -5.45 6.51
C ALA A 31 1.91 -4.43 6.59
N ALA A 32 3.15 -4.87 6.43
CA ALA A 32 4.29 -3.97 6.48
C ALA A 32 4.20 -2.99 5.31
N CYS A 33 3.79 -3.55 4.18
CA CYS A 33 3.67 -2.77 2.97
C CYS A 33 2.57 -1.73 3.10
N GLU A 34 1.53 -2.09 3.86
CA GLU A 34 0.38 -1.21 4.07
C GLU A 34 0.65 -0.21 5.15
N ALA A 35 1.66 -0.42 5.99
CA ALA A 35 1.94 0.41 7.13
C ALA A 35 1.92 1.89 6.82
N GLU A 36 2.79 2.30 5.92
CA GLU A 36 2.88 3.71 5.58
C GLU A 36 2.09 4.08 4.33
N CYS A 37 0.86 3.57 4.21
CA CYS A 37 0.06 3.86 3.03
C CYS A 37 0.86 3.53 1.78
N PHE A 38 1.56 2.42 1.82
CA PHE A 38 2.33 1.97 0.67
C PHE A 38 3.53 2.87 0.45
N ARG A 39 3.75 3.81 1.38
CA ARG A 39 4.89 4.71 1.31
C ARG A 39 6.01 4.14 2.19
N ASN A 40 6.70 3.15 1.63
CA ASN A 40 7.81 2.51 2.36
C ASN A 40 8.71 1.78 1.40
N ASP A 41 9.87 1.33 1.92
CA ASP A 41 10.83 0.66 1.07
C ASP A 41 10.29 -0.70 0.67
N VAL A 42 9.47 -1.33 1.50
CA VAL A 42 8.88 -2.61 1.15
C VAL A 42 7.97 -2.43 -0.07
N TYR A 43 7.19 -1.36 -0.07
CA TYR A 43 6.30 -1.07 -1.18
C TYR A 43 7.13 -0.99 -2.45
N THR A 44 8.22 -0.24 -2.39
CA THR A 44 9.06 -0.12 -3.55
C THR A 44 9.55 -1.48 -4.03
N ALA A 45 10.08 -2.27 -3.09
CA ALA A 45 10.57 -3.62 -3.34
C ALA A 45 9.48 -4.48 -3.94
N CYS A 46 8.27 -4.39 -3.35
CA CYS A 46 7.14 -5.15 -3.85
C CYS A 46 6.71 -4.64 -5.23
N HIS A 47 6.64 -3.32 -5.37
CA HIS A 47 6.22 -2.72 -6.63
C HIS A 47 7.24 -2.98 -7.71
N GLU A 48 8.52 -2.84 -7.38
CA GLU A 48 9.58 -3.06 -8.32
C GLU A 48 9.68 -4.54 -8.70
N ALA A 49 9.26 -5.40 -7.77
CA ALA A 49 9.33 -6.84 -7.98
C ALA A 49 8.21 -7.30 -8.88
N GLN A 50 7.13 -6.52 -8.94
CA GLN A 50 6.00 -6.86 -9.79
C GLN A 50 6.16 -6.23 -11.18
N LYS A 51 6.03 -7.06 -12.21
CA LYS A 51 6.13 -6.58 -13.59
C LYS A 51 5.00 -5.61 -13.88
N SER A 1 -6.09 10.13 15.27
CA SER A 1 -5.41 9.76 14.00
C SER A 1 -5.95 8.43 13.51
N GLU A 2 -7.06 8.46 12.77
CA GLU A 2 -7.66 7.24 12.25
C GLU A 2 -6.62 6.39 11.52
N PRO A 3 -6.92 5.14 11.28
CA PRO A 3 -5.98 4.21 10.62
C PRO A 3 -5.97 4.31 9.09
N ASP A 4 -6.74 3.46 8.44
CA ASP A 4 -6.86 3.45 6.98
C ASP A 4 -8.07 4.27 6.55
N GLU A 5 -8.48 5.20 7.38
CA GLU A 5 -9.57 6.12 7.00
C GLU A 5 -8.94 7.47 6.61
N ILE A 6 -8.03 7.97 7.45
CA ILE A 6 -7.41 9.27 7.20
C ILE A 6 -6.54 9.19 5.96
N CYS A 7 -5.82 8.10 5.84
CA CYS A 7 -4.93 7.92 4.71
C CYS A 7 -5.69 8.00 3.40
N ARG A 8 -6.84 7.33 3.38
CA ARG A 8 -7.67 7.28 2.18
C ARG A 8 -8.18 8.66 1.84
N ALA A 9 -8.56 9.42 2.86
CA ALA A 9 -9.12 10.74 2.67
C ALA A 9 -8.13 11.66 1.98
N ARG A 10 -6.87 11.23 1.87
CA ARG A 10 -5.83 12.03 1.27
C ARG A 10 -5.52 11.57 -0.14
N MET A 11 -6.01 10.37 -0.50
CA MET A 11 -5.77 9.81 -1.82
C MET A 11 -7.08 9.48 -2.53
N THR A 12 -7.03 9.38 -3.84
CA THR A 12 -8.22 8.99 -4.60
C THR A 12 -8.47 7.49 -4.44
N HIS A 13 -9.69 7.07 -4.78
CA HIS A 13 -10.06 5.65 -4.69
C HIS A 13 -9.24 4.83 -5.66
N LYS A 14 -9.05 5.34 -6.87
CA LYS A 14 -8.28 4.62 -7.88
C LYS A 14 -6.86 4.40 -7.39
N GLU A 15 -6.28 5.43 -6.80
CA GLU A 15 -4.90 5.33 -6.32
C GLU A 15 -4.82 4.38 -5.14
N PHE A 16 -5.75 4.53 -4.22
CA PHE A 16 -5.78 3.68 -3.04
C PHE A 16 -5.96 2.21 -3.43
N ASN A 17 -6.87 1.93 -4.35
CA ASN A 17 -7.08 0.58 -4.81
C ASN A 17 -5.83 0.04 -5.50
N TYR A 18 -5.19 0.86 -6.32
CA TYR A 18 -4.02 0.44 -7.07
C TYR A 18 -2.90 0.00 -6.15
N LYS A 19 -2.55 0.91 -5.24
CA LYS A 19 -1.48 0.66 -4.30
C LYS A 19 -1.82 -0.51 -3.40
N SER A 20 -3.08 -0.59 -3.00
CA SER A 20 -3.51 -1.67 -2.12
C SER A 20 -3.25 -3.05 -2.74
N ASN A 21 -3.56 -3.13 -4.03
CA ASN A 21 -3.33 -4.36 -4.81
C ASN A 21 -1.85 -4.68 -4.87
N VAL A 22 -1.01 -3.65 -4.96
CA VAL A 22 0.44 -3.84 -5.03
C VAL A 22 0.95 -4.46 -3.72
N CYS A 23 0.52 -3.90 -2.60
CA CYS A 23 0.94 -4.40 -1.29
C CYS A 23 0.35 -5.79 -1.08
N ASN A 24 -0.87 -6.03 -1.48
CA ASN A 24 -1.47 -7.34 -1.29
C ASN A 24 -0.74 -8.40 -2.08
N GLY A 25 -0.11 -8.01 -3.19
CA GLY A 25 0.63 -8.97 -4.00
C GLY A 25 2.04 -9.15 -3.48
N CYS A 26 2.37 -8.47 -2.37
CA CYS A 26 3.72 -8.49 -1.84
C CYS A 26 4.01 -9.76 -1.11
N GLY A 27 3.03 -10.35 -0.45
CA GLY A 27 3.22 -11.62 0.22
C GLY A 27 2.76 -11.53 1.68
N ASP A 28 3.69 -11.80 2.61
CA ASP A 28 3.38 -11.73 4.04
C ASP A 28 3.78 -10.36 4.59
N GLN A 29 4.10 -9.43 3.71
CA GLN A 29 4.48 -8.08 4.14
C GLN A 29 3.30 -7.13 3.97
N VAL A 30 2.13 -7.70 3.68
CA VAL A 30 0.95 -6.89 3.44
C VAL A 30 0.83 -5.77 4.47
N ALA A 31 0.88 -6.14 5.75
CA ALA A 31 0.73 -5.17 6.81
C ALA A 31 1.86 -4.16 6.83
N ALA A 32 3.08 -4.64 6.61
CA ALA A 32 4.24 -3.78 6.59
C ALA A 32 4.13 -2.80 5.42
N CYS A 33 3.70 -3.35 4.29
CA CYS A 33 3.55 -2.56 3.07
C CYS A 33 2.45 -1.52 3.24
N GLU A 34 1.42 -1.88 3.99
CA GLU A 34 0.29 -1.02 4.22
C GLU A 34 0.60 -0.03 5.32
N ALA A 35 1.64 -0.27 6.11
CA ALA A 35 1.96 0.56 7.24
C ALA A 35 1.95 2.04 6.92
N GLU A 36 2.81 2.44 6.00
CA GLU A 36 2.92 3.86 5.66
C GLU A 36 2.16 4.23 4.40
N CYS A 37 0.95 3.69 4.24
CA CYS A 37 0.16 3.95 3.06
C CYS A 37 0.98 3.60 1.83
N PHE A 38 1.68 2.49 1.86
CA PHE A 38 2.46 2.06 0.72
C PHE A 38 3.66 2.96 0.52
N ARG A 39 3.93 3.82 1.51
CA ARG A 39 5.07 4.71 1.47
C ARG A 39 6.20 4.12 2.30
N ASN A 40 6.85 3.11 1.75
CA ASN A 40 7.98 2.46 2.45
C ASN A 40 8.85 1.71 1.46
N ASP A 41 10.01 1.23 1.95
CA ASP A 41 10.94 0.54 1.08
C ASP A 41 10.37 -0.80 0.67
N VAL A 42 9.56 -1.43 1.51
CA VAL A 42 8.94 -2.69 1.17
C VAL A 42 8.01 -2.50 -0.03
N TYR A 43 7.24 -1.42 0.00
CA TYR A 43 6.34 -1.11 -1.10
C TYR A 43 7.13 -1.04 -2.38
N THR A 44 8.23 -0.29 -2.36
CA THR A 44 9.07 -0.17 -3.54
C THR A 44 9.55 -1.53 -4.01
N ALA A 45 10.08 -2.33 -3.07
CA ALA A 45 10.59 -3.67 -3.33
C ALA A 45 9.49 -4.53 -3.94
N CYS A 46 8.30 -4.45 -3.34
CA CYS A 46 7.16 -5.24 -3.83
C CYS A 46 6.70 -4.73 -5.19
N HIS A 47 6.62 -3.41 -5.31
CA HIS A 47 6.16 -2.79 -6.54
C HIS A 47 7.14 -3.04 -7.66
N GLU A 48 8.42 -2.91 -7.35
CA GLU A 48 9.47 -3.12 -8.33
C GLU A 48 9.57 -4.59 -8.72
N ALA A 49 9.14 -5.47 -7.80
CA ALA A 49 9.21 -6.90 -8.01
C ALA A 49 8.09 -7.35 -8.92
N GLN A 50 7.01 -6.58 -8.96
CA GLN A 50 5.86 -6.91 -9.81
C GLN A 50 6.01 -6.27 -11.19
N LYS A 51 5.76 -7.06 -12.23
CA LYS A 51 5.84 -6.57 -13.59
C LYS A 51 4.73 -5.55 -13.85
N SER A 1 -11.87 1.38 11.20
CA SER A 1 -11.54 2.44 12.20
C SER A 1 -10.03 2.58 12.31
N GLU A 2 -9.31 1.89 11.43
CA GLU A 2 -7.86 1.94 11.46
C GLU A 2 -7.36 3.12 10.64
N PRO A 3 -6.17 3.62 10.90
CA PRO A 3 -5.54 4.69 10.09
C PRO A 3 -5.73 4.55 8.58
N ASP A 4 -6.42 3.50 8.12
CA ASP A 4 -6.66 3.25 6.70
C ASP A 4 -7.95 3.96 6.25
N GLU A 5 -8.46 4.85 7.10
CA GLU A 5 -9.59 5.69 6.74
C GLU A 5 -9.06 7.09 6.43
N ILE A 6 -8.29 7.65 7.37
CA ILE A 6 -7.76 8.99 7.17
C ILE A 6 -6.80 9.01 5.97
N CYS A 7 -5.97 7.97 5.88
CA CYS A 7 -5.01 7.87 4.80
C CYS A 7 -5.71 7.97 3.44
N ARG A 8 -6.88 7.35 3.37
CA ARG A 8 -7.66 7.30 2.13
C ARG A 8 -8.15 8.69 1.79
N ALA A 9 -8.52 9.44 2.82
CA ALA A 9 -9.07 10.77 2.65
C ALA A 9 -8.09 11.70 1.96
N ARG A 10 -6.82 11.31 1.87
CA ARG A 10 -5.78 12.15 1.28
C ARG A 10 -5.44 11.69 -0.13
N MET A 11 -5.93 10.48 -0.49
CA MET A 11 -5.65 9.91 -1.82
C MET A 11 -6.95 9.57 -2.54
N THR A 12 -6.88 9.48 -3.86
CA THR A 12 -8.05 9.10 -4.64
C THR A 12 -8.35 7.61 -4.45
N HIS A 13 -9.58 7.20 -4.75
CA HIS A 13 -9.98 5.80 -4.63
C HIS A 13 -9.20 4.94 -5.62
N LYS A 14 -9.04 5.42 -6.85
CA LYS A 14 -8.32 4.64 -7.86
C LYS A 14 -6.89 4.39 -7.40
N GLU A 15 -6.28 5.40 -6.82
CA GLU A 15 -4.90 5.29 -6.38
C GLU A 15 -4.81 4.34 -5.19
N PHE A 16 -5.71 4.52 -4.24
CA PHE A 16 -5.73 3.68 -3.06
C PHE A 16 -5.94 2.22 -3.42
N ASN A 17 -6.88 1.93 -4.31
CA ASN A 17 -7.11 0.58 -4.76
C ASN A 17 -5.88 0.01 -5.46
N TYR A 18 -5.23 0.82 -6.30
CA TYR A 18 -4.08 0.38 -7.05
C TYR A 18 -2.94 -0.05 -6.14
N LYS A 19 -2.59 0.85 -5.24
CA LYS A 19 -1.51 0.62 -4.30
C LYS A 19 -1.84 -0.56 -3.39
N SER A 20 -3.10 -0.63 -2.98
CA SER A 20 -3.52 -1.69 -2.09
C SER A 20 -3.26 -3.06 -2.69
N ASN A 21 -3.57 -3.15 -3.99
CA ASN A 21 -3.34 -4.36 -4.77
C ASN A 21 -1.85 -4.69 -4.83
N VAL A 22 -1.00 -3.66 -4.92
CA VAL A 22 0.44 -3.83 -4.98
C VAL A 22 0.95 -4.44 -3.68
N CYS A 23 0.51 -3.87 -2.55
CA CYS A 23 0.92 -4.37 -1.24
C CYS A 23 0.33 -5.76 -1.01
N ASN A 24 -0.89 -6.00 -1.41
CA ASN A 24 -1.49 -7.30 -1.22
C ASN A 24 -0.75 -8.34 -2.02
N GLY A 25 -0.13 -7.96 -3.15
CA GLY A 25 0.61 -8.95 -3.94
C GLY A 25 2.01 -9.11 -3.43
N CYS A 26 2.33 -8.43 -2.31
CA CYS A 26 3.69 -8.45 -1.80
C CYS A 26 4.00 -9.70 -1.02
N GLY A 27 3.01 -10.37 -0.43
CA GLY A 27 3.24 -11.62 0.28
C GLY A 27 2.80 -11.53 1.74
N ASP A 28 3.71 -11.78 2.68
CA ASP A 28 3.38 -11.70 4.12
C ASP A 28 3.78 -10.33 4.66
N GLN A 29 4.10 -9.41 3.77
CA GLN A 29 4.47 -8.05 4.20
C GLN A 29 3.30 -7.11 4.03
N VAL A 30 2.13 -7.68 3.73
CA VAL A 30 0.95 -6.88 3.52
C VAL A 30 0.83 -5.78 4.55
N ALA A 31 0.92 -6.14 5.83
CA ALA A 31 0.76 -5.16 6.88
C ALA A 31 1.89 -4.13 6.89
N ALA A 32 3.13 -4.60 6.67
CA ALA A 32 4.27 -3.72 6.64
C ALA A 32 4.16 -2.74 5.47
N CYS A 33 3.71 -3.32 4.35
CA CYS A 33 3.54 -2.55 3.14
C CYS A 33 2.44 -1.52 3.29
N GLU A 34 1.41 -1.90 4.07
CA GLU A 34 0.27 -1.04 4.31
C GLU A 34 0.57 -0.02 5.40
N ALA A 35 1.62 -0.24 6.18
CA ALA A 35 1.97 0.59 7.32
C ALA A 35 1.96 2.07 7.01
N GLU A 36 2.76 2.44 6.04
CA GLU A 36 2.89 3.85 5.70
C GLU A 36 2.11 4.22 4.46
N CYS A 37 0.89 3.68 4.31
CA CYS A 37 0.11 3.94 3.12
C CYS A 37 0.92 3.60 1.88
N PHE A 38 1.63 2.50 1.92
CA PHE A 38 2.40 2.05 0.79
C PHE A 38 3.62 2.94 0.59
N ARG A 39 3.88 3.83 1.54
CA ARG A 39 5.04 4.72 1.50
C ARG A 39 6.16 4.12 2.35
N ASN A 40 6.80 3.12 1.79
CA ASN A 40 7.89 2.43 2.50
C ASN A 40 8.79 1.70 1.53
N ASP A 41 9.94 1.27 2.03
CA ASP A 41 10.88 0.61 1.17
C ASP A 41 10.33 -0.77 0.78
N VAL A 42 9.50 -1.39 1.58
CA VAL A 42 8.92 -2.65 1.20
C VAL A 42 8.00 -2.47 -0.01
N TYR A 43 7.20 -1.41 0.01
CA TYR A 43 6.29 -1.11 -1.09
C TYR A 43 7.05 -1.03 -2.39
N THR A 44 8.12 -0.27 -2.39
CA THR A 44 8.89 -0.12 -3.62
C THR A 44 9.38 -1.46 -4.12
N ALA A 45 9.98 -2.23 -3.21
CA ALA A 45 10.51 -3.58 -3.44
C ALA A 45 9.43 -4.49 -4.01
N CYS A 46 8.24 -4.41 -3.39
CA CYS A 46 7.12 -5.22 -3.85
C CYS A 46 6.64 -4.71 -5.22
N HIS A 47 6.57 -3.39 -5.35
CA HIS A 47 6.12 -2.79 -6.60
C HIS A 47 7.11 -3.05 -7.72
N GLU A 48 8.39 -2.92 -7.41
CA GLU A 48 9.44 -3.14 -8.38
C GLU A 48 9.52 -4.61 -8.77
N ALA A 49 9.11 -5.47 -7.84
CA ALA A 49 9.17 -6.91 -8.06
C ALA A 49 8.02 -7.35 -8.95
N GLN A 50 6.95 -6.55 -8.97
CA GLN A 50 5.80 -6.88 -9.82
C GLN A 50 5.95 -6.23 -11.18
N LYS A 51 5.73 -7.03 -12.24
CA LYS A 51 5.81 -6.52 -13.60
C LYS A 51 4.89 -5.32 -13.77
#